data_7S5N
#
_entry.id   7S5N
#
_cell.length_a   51.690
_cell.length_b   87.600
_cell.length_c   185.830
_cell.angle_alpha   90.000
_cell.angle_beta   90.000
_cell.angle_gamma   90.000
#
_symmetry.space_group_name_H-M   'P 21 21 21'
#
loop_
_entity.id
_entity.type
_entity.pdbx_description
1 polymer MymaA.17060.a
2 non-polymer 'SULFATE ION'
3 non-polymer (4S)-2-METHYL-2,4-PENTANEDIOL
4 water water
#
_entity_poly.entity_id   1
_entity_poly.type   'polypeptide(L)'
_entity_poly.pdbx_seq_one_letter_code
;MAHHHHHHMGTLEAQTQGPGSMVSIALLREMFEKMVVAKNAELIGHYYDPDFVMYSDGLRQEFAEFSEGHRKIYASAISY
AIEYDEDAWVQAPDRVAGRVWITTSRPGEKPTRIEVILIAAYRDGRIHRIWETTWPSWRNVAALEDY
;
_entity_poly.pdbx_strand_id   A,B,C,D,E,F
#
loop_
_chem_comp.id
_chem_comp.type
_chem_comp.name
_chem_comp.formula
MPD non-polymer (4S)-2-METHYL-2,4-PENTANEDIOL 'C6 H14 O2'
SO4 non-polymer 'SULFATE ION' 'O4 S -2'
#
# COMPACT_ATOMS: atom_id res chain seq x y z
N MET A 22 -2.55 -3.28 0.24
CA MET A 22 -2.30 -3.93 1.52
C MET A 22 -0.99 -3.41 2.14
N VAL A 23 0.16 -4.00 1.78
CA VAL A 23 1.43 -3.49 2.31
C VAL A 23 1.72 -2.15 1.65
N SER A 24 1.89 -1.12 2.49
CA SER A 24 2.11 0.22 1.99
C SER A 24 2.75 1.06 3.09
N ILE A 25 3.20 2.24 2.70
CA ILE A 25 3.49 3.28 3.67
C ILE A 25 2.36 3.40 4.68
N ALA A 26 1.11 3.39 4.19
CA ALA A 26 -0.04 3.53 5.08
C ALA A 26 -0.06 2.46 6.16
N LEU A 27 0.29 1.22 5.81
CA LEU A 27 0.29 0.13 6.79
C LEU A 27 1.41 0.32 7.81
N LEU A 28 2.59 0.74 7.37
CA LEU A 28 3.67 0.99 8.33
C LEU A 28 3.30 2.14 9.26
N ARG A 29 2.71 3.19 8.70
CA ARG A 29 2.25 4.32 9.50
C ARG A 29 1.20 3.87 10.52
N GLU A 30 0.30 2.97 10.12
CA GLU A 30 -0.72 2.49 11.03
C GLU A 30 -0.12 1.78 12.23
N MET A 31 0.92 0.95 12.00
CA MET A 31 1.61 0.28 13.10
C MET A 31 2.17 1.30 14.10
N PHE A 32 2.86 2.33 13.60
CA PHE A 32 3.35 3.38 14.48
C PHE A 32 2.23 4.03 15.28
N GLU A 33 1.09 4.29 14.66
CA GLU A 33 0.06 5.04 15.36
C GLU A 33 -0.75 4.16 16.31
N LYS A 34 -1.14 2.97 15.86
CA LYS A 34 -2.06 2.14 16.65
C LYS A 34 -1.35 1.20 17.60
N MET A 35 -0.04 0.94 17.41
CA MET A 35 0.70 0.08 18.32
C MET A 35 1.64 0.87 19.20
N VAL A 36 2.54 1.65 18.60
CA VAL A 36 3.55 2.38 19.36
C VAL A 36 2.92 3.54 20.12
N VAL A 37 2.37 4.53 19.39
CA VAL A 37 1.82 5.70 20.06
C VAL A 37 0.72 5.28 21.05
N ALA A 38 -0.09 4.30 20.68
CA ALA A 38 -1.14 3.86 21.58
C ALA A 38 -0.64 2.91 22.67
N LYS A 39 0.60 2.44 22.56
CA LYS A 39 1.18 1.51 23.54
C LYS A 39 0.31 0.28 23.71
N ASN A 40 -0.14 -0.28 22.58
CA ASN A 40 -1.07 -1.40 22.59
C ASN A 40 -0.31 -2.68 22.27
N ALA A 41 0.07 -3.42 23.32
CA ALA A 41 0.84 -4.64 23.13
C ALA A 41 0.02 -5.75 22.50
N GLU A 42 -1.31 -5.69 22.60
CA GLU A 42 -2.16 -6.71 21.98
C GLU A 42 -2.15 -6.64 20.47
N LEU A 43 -1.59 -5.58 19.88
CA LEU A 43 -1.51 -5.48 18.42
C LEU A 43 -0.13 -5.82 17.90
N ILE A 44 0.82 -6.22 18.75
CA ILE A 44 2.12 -6.65 18.27
C ILE A 44 1.96 -7.80 17.28
N GLY A 45 1.18 -8.82 17.66
CA GLY A 45 0.93 -9.95 16.77
C GLY A 45 0.08 -9.61 15.57
N HIS A 46 -0.66 -8.51 15.62
CA HIS A 46 -1.41 -8.07 14.45
C HIS A 46 -0.50 -7.48 13.37
N TYR A 47 0.53 -6.75 13.78
CA TYR A 47 1.38 -6.06 12.82
C TYR A 47 2.67 -6.80 12.52
N TYR A 48 3.07 -7.79 13.32
CA TYR A 48 4.38 -8.42 13.21
C TYR A 48 4.22 -9.92 13.03
N ASP A 49 4.96 -10.48 12.07
CA ASP A 49 4.96 -11.91 11.79
C ASP A 49 5.60 -12.67 12.95
N PRO A 50 5.14 -13.89 13.26
CA PRO A 50 5.75 -14.64 14.37
C PRO A 50 7.21 -14.94 14.17
N ASP A 51 7.73 -14.90 12.95
CA ASP A 51 9.14 -15.11 12.66
C ASP A 51 9.89 -13.79 12.48
N PHE A 52 9.30 -12.70 12.93
CA PHE A 52 9.93 -11.38 12.85
C PHE A 52 11.30 -11.35 13.50
N VAL A 53 12.24 -10.62 12.88
CA VAL A 53 13.52 -10.32 13.50
C VAL A 53 13.77 -8.82 13.33
N MET A 54 14.18 -8.16 14.40
CA MET A 54 14.50 -6.73 14.42
C MET A 54 16.01 -6.55 14.48
N TYR A 55 16.57 -5.75 13.59
CA TYR A 55 17.96 -5.28 13.70
C TYR A 55 17.92 -3.79 13.99
N SER A 56 18.48 -3.37 15.11
CA SER A 56 18.42 -1.96 15.51
C SER A 56 19.76 -1.61 16.16
N ASP A 57 20.52 -0.73 15.51
CA ASP A 57 21.78 -0.23 16.05
C ASP A 57 22.68 -1.38 16.50
N GLY A 58 22.78 -2.41 15.67
CA GLY A 58 23.69 -3.51 15.93
C GLY A 58 23.16 -4.60 16.83
N LEU A 59 21.93 -4.48 17.33
CA LEU A 59 21.32 -5.51 18.14
C LEU A 59 20.29 -6.25 17.30
N ARG A 60 20.18 -7.56 17.52
CA ARG A 60 19.23 -8.42 16.84
C ARG A 60 18.27 -8.99 17.87
N GLN A 61 16.97 -8.86 17.63
CA GLN A 61 15.95 -9.41 18.54
C GLN A 61 14.93 -10.21 17.76
N GLU A 62 14.66 -11.44 18.21
CA GLU A 62 13.58 -12.20 17.61
C GLU A 62 12.24 -11.79 18.21
N PHE A 63 11.15 -12.29 17.59
CA PHE A 63 9.80 -11.82 17.88
C PHE A 63 9.45 -11.87 19.36
N ALA A 64 9.77 -12.97 20.05
CA ALA A 64 9.29 -13.10 21.41
C ALA A 64 10.01 -12.12 22.36
N GLU A 65 11.34 -11.99 22.23
CA GLU A 65 12.05 -10.96 22.96
C GLU A 65 11.51 -9.57 22.63
N PHE A 66 11.34 -9.29 21.34
CA PHE A 66 10.79 -8.01 20.90
C PHE A 66 9.43 -7.73 21.51
N SER A 67 8.55 -8.73 21.51
CA SER A 67 7.21 -8.55 22.05
C SER A 67 7.23 -8.37 23.56
N GLU A 68 7.97 -9.23 24.26
CA GLU A 68 8.09 -9.09 25.72
C GLU A 68 8.65 -7.73 26.09
N GLY A 69 9.59 -7.21 25.28
CA GLY A 69 10.21 -5.94 25.60
C GLY A 69 9.27 -4.77 25.41
N HIS A 70 8.52 -4.75 24.30
CA HIS A 70 7.55 -3.68 24.09
C HIS A 70 6.40 -3.77 25.09
N ARG A 71 5.95 -4.99 25.41
CA ARG A 71 4.86 -5.13 26.38
C ARG A 71 5.28 -4.61 27.74
N LYS A 72 6.55 -4.82 28.12
CA LYS A 72 7.02 -4.28 29.40
C LYS A 72 7.10 -2.76 29.36
N ILE A 73 7.55 -2.20 28.23
CA ILE A 73 7.61 -0.76 28.09
C ILE A 73 6.20 -0.17 27.97
N TYR A 74 5.32 -0.84 27.24
CA TYR A 74 3.96 -0.35 27.11
C TYR A 74 3.19 -0.37 28.43
N ALA A 75 3.78 -0.93 29.49
CA ALA A 75 3.20 -0.87 30.81
C ALA A 75 3.70 0.30 31.65
N SER A 76 4.80 0.94 31.26
CA SER A 76 5.35 2.04 32.03
C SER A 76 4.61 3.33 31.69
N ALA A 77 4.99 4.41 32.35
CA ALA A 77 4.36 5.72 32.14
C ALA A 77 4.98 6.49 31.00
N ILE A 78 5.67 5.79 30.10
CA ILE A 78 6.28 6.43 28.95
C ILE A 78 5.20 6.92 27.98
N SER A 79 5.53 7.94 27.20
CA SER A 79 4.63 8.43 26.16
C SER A 79 5.41 8.66 24.87
N TYR A 80 4.78 8.35 23.74
CA TYR A 80 5.39 8.46 22.42
C TYR A 80 4.64 9.44 21.53
N ALA A 81 5.41 10.23 20.78
CA ALA A 81 4.92 11.06 19.68
C ALA A 81 5.80 10.82 18.47
N ILE A 82 5.21 10.78 17.28
CA ILE A 82 5.94 10.42 16.07
C ILE A 82 5.76 11.49 15.00
N GLU A 83 6.86 11.87 14.36
CA GLU A 83 6.89 12.77 13.22
C GLU A 83 7.42 11.98 12.03
N TYR A 84 6.88 12.24 10.85
CA TYR A 84 7.30 11.55 9.63
C TYR A 84 7.96 12.53 8.68
N ASP A 85 8.98 12.07 7.96
CA ASP A 85 9.53 12.85 6.86
C ASP A 85 8.80 12.40 5.60
N GLU A 86 7.86 13.22 5.15
CA GLU A 86 7.00 12.82 4.04
C GLU A 86 7.74 12.75 2.71
N ASP A 87 8.97 13.28 2.63
CA ASP A 87 9.77 13.20 1.42
C ASP A 87 10.59 11.92 1.32
N ALA A 88 10.77 11.18 2.41
CA ALA A 88 11.77 10.13 2.46
C ALA A 88 11.23 8.73 2.22
N TRP A 89 9.93 8.57 1.99
CA TRP A 89 9.35 7.24 1.88
C TRP A 89 9.84 6.50 0.64
N VAL A 90 10.02 5.18 0.76
CA VAL A 90 10.23 4.30 -0.38
C VAL A 90 9.25 3.14 -0.24
N GLN A 91 8.45 2.90 -1.27
CA GLN A 91 7.42 1.86 -1.22
C GLN A 91 7.63 0.89 -2.37
N ALA A 92 7.89 -0.38 -2.03
CA ALA A 92 8.00 -1.46 -2.98
C ALA A 92 6.94 -2.52 -2.66
N PRO A 93 6.68 -3.48 -3.54
CA PRO A 93 5.81 -4.60 -3.14
C PRO A 93 6.39 -5.27 -1.90
N ASP A 94 5.61 -5.28 -0.82
CA ASP A 94 5.95 -5.98 0.41
C ASP A 94 7.19 -5.42 1.15
N ARG A 95 7.60 -4.16 0.89
CA ARG A 95 8.70 -3.51 1.62
C ARG A 95 8.48 -2.02 1.66
N VAL A 96 8.82 -1.41 2.80
CA VAL A 96 8.73 0.04 2.94
C VAL A 96 9.99 0.54 3.66
N ALA A 97 10.47 1.71 3.27
CA ALA A 97 11.54 2.38 4.01
C ALA A 97 11.09 3.80 4.29
N GLY A 98 11.60 4.37 5.38
CA GLY A 98 11.20 5.72 5.71
C GLY A 98 12.07 6.26 6.83
N ARG A 99 11.75 7.50 7.19
CA ARG A 99 12.52 8.30 8.13
C ARG A 99 11.51 8.94 9.07
N VAL A 100 11.67 8.70 10.37
CA VAL A 100 10.71 9.21 11.35
C VAL A 100 11.49 9.71 12.55
N TRP A 101 10.82 10.55 13.34
CA TRP A 101 11.36 10.96 14.63
C TRP A 101 10.40 10.50 15.71
N ILE A 102 10.93 9.81 16.71
CA ILE A 102 10.17 9.37 17.86
C ILE A 102 10.60 10.20 19.05
N THR A 103 9.66 10.92 19.64
CA THR A 103 9.88 11.69 20.85
C THR A 103 9.29 10.93 22.04
N THR A 104 10.11 10.74 23.07
CA THR A 104 9.76 9.91 24.20
C THR A 104 9.69 10.78 25.45
N SER A 105 8.57 10.72 26.17
CA SER A 105 8.32 11.50 27.36
C SER A 105 8.22 10.57 28.57
N ARG A 106 8.89 10.96 29.65
CA ARG A 106 8.73 10.28 30.93
C ARG A 106 8.19 11.28 31.95
N PRO A 107 7.49 10.80 33.00
CA PRO A 107 6.93 11.72 34.00
C PRO A 107 7.91 12.78 34.50
N GLY A 108 7.57 14.05 34.26
CA GLY A 108 8.36 15.17 34.74
C GLY A 108 9.80 15.22 34.26
N GLU A 109 10.13 14.46 33.21
CA GLU A 109 11.47 14.40 32.67
C GLU A 109 11.52 15.07 31.31
N LYS A 110 12.68 15.60 30.96
CA LYS A 110 12.85 16.28 29.68
C LYS A 110 12.62 15.28 28.55
N PRO A 111 11.77 15.59 27.58
CA PRO A 111 11.51 14.64 26.49
C PRO A 111 12.72 14.51 25.57
N THR A 112 12.89 13.30 25.03
CA THR A 112 14.00 12.99 24.16
C THR A 112 13.47 12.62 22.78
N ARG A 113 14.19 13.05 21.75
CA ARG A 113 13.79 12.87 20.37
C ARG A 113 14.87 12.08 19.64
N ILE A 114 14.46 11.01 18.95
CA ILE A 114 15.38 10.13 18.24
C ILE A 114 14.95 10.08 16.78
N GLU A 115 15.91 10.25 15.86
CA GLU A 115 15.64 10.05 14.45
C GLU A 115 15.88 8.60 14.10
N VAL A 116 14.96 8.00 13.34
CA VAL A 116 15.02 6.59 12.97
C VAL A 116 14.88 6.49 11.46
N ILE A 117 15.82 5.81 10.82
CA ILE A 117 15.67 5.43 9.44
C ILE A 117 15.57 3.91 9.41
N LEU A 118 14.54 3.40 8.76
CA LEU A 118 14.26 1.98 8.87
C LEU A 118 13.77 1.40 7.55
N ILE A 119 14.03 0.11 7.37
CA ILE A 119 13.52 -0.67 6.26
C ILE A 119 12.66 -1.77 6.86
N ALA A 120 11.43 -1.90 6.37
CA ALA A 120 10.49 -2.91 6.85
C ALA A 120 10.11 -3.81 5.68
N ALA A 121 10.40 -5.12 5.82
CA ALA A 121 10.05 -6.11 4.84
C ALA A 121 8.93 -6.97 5.39
N TYR A 122 7.93 -7.26 4.56
CA TYR A 122 6.69 -7.88 5.00
C TYR A 122 6.56 -9.30 4.50
N ARG A 123 5.89 -10.13 5.29
CA ARG A 123 5.48 -11.47 4.90
CA ARG A 123 5.47 -11.46 4.89
C ARG A 123 4.00 -11.64 5.25
N ASP A 124 3.19 -11.99 4.25
CA ASP A 124 1.74 -12.21 4.43
C ASP A 124 1.06 -11.05 5.18
N GLY A 125 1.41 -9.82 4.79
CA GLY A 125 0.76 -8.65 5.34
C GLY A 125 1.24 -8.19 6.70
N ARG A 126 2.29 -8.81 7.26
CA ARG A 126 2.82 -8.41 8.56
C ARG A 126 4.34 -8.21 8.44
N ILE A 127 4.88 -7.39 9.36
CA ILE A 127 6.31 -7.09 9.30
C ILE A 127 7.12 -8.34 9.63
N HIS A 128 8.03 -8.69 8.73
CA HIS A 128 8.86 -9.87 8.92
C HIS A 128 10.31 -9.51 9.25
N ARG A 129 10.81 -8.40 8.72
CA ARG A 129 12.14 -7.90 9.07
C ARG A 129 12.11 -6.39 9.21
N ILE A 130 12.79 -5.86 10.22
CA ILE A 130 13.12 -4.43 10.27
C ILE A 130 14.63 -4.32 10.41
N TRP A 131 15.22 -3.45 9.59
CA TRP A 131 16.59 -3.01 9.76
C TRP A 131 16.54 -1.51 9.98
N GLU A 132 17.08 -1.05 11.11
CA GLU A 132 17.00 0.37 11.43
C GLU A 132 18.26 0.83 12.15
N THR A 133 18.53 2.14 12.03
CA THR A 133 19.55 2.79 12.81
C THR A 133 18.99 4.11 13.29
N THR A 134 19.50 4.59 14.41
CA THR A 134 18.90 5.75 15.06
C THR A 134 19.99 6.75 15.41
N TRP A 135 19.60 8.03 15.43
CA TRP A 135 20.53 9.09 15.82
C TRP A 135 19.80 10.09 16.73
N PRO A 136 20.34 10.39 17.91
CA PRO A 136 21.49 9.71 18.53
C PRO A 136 21.07 8.32 18.94
N SER A 137 21.99 7.37 19.00
CA SER A 137 21.59 5.97 19.16
C SER A 137 20.74 5.78 20.40
N TRP A 138 19.59 5.12 20.25
CA TRP A 138 18.71 4.83 21.37
C TRP A 138 19.42 4.07 22.48
N ARG A 139 20.63 3.58 22.22
CA ARG A 139 21.38 2.77 23.20
C ARG A 139 21.45 3.43 24.57
N ASN A 140 21.46 4.76 24.63
CA ASN A 140 21.58 5.45 25.92
C ASN A 140 20.76 6.73 25.87
N VAL A 141 19.44 6.58 25.80
CA VAL A 141 18.53 7.71 25.81
C VAL A 141 17.89 7.88 27.18
N GLY B 20 8.45 -16.90 0.85
CA GLY B 20 7.24 -17.55 0.40
C GLY B 20 5.97 -16.85 0.84
N SER B 21 5.46 -15.97 -0.02
CA SER B 21 4.25 -15.23 0.29
C SER B 21 3.00 -16.04 -0.01
N MET B 22 2.00 -15.95 0.88
CA MET B 22 0.70 -16.55 0.67
C MET B 22 -0.37 -15.51 0.32
N VAL B 23 0.03 -14.29 -0.07
CA VAL B 23 -0.91 -13.21 -0.33
C VAL B 23 -0.63 -12.59 -1.70
N SER B 24 -0.17 -13.41 -2.64
CA SER B 24 0.19 -12.90 -3.95
C SER B 24 -1.01 -12.40 -4.76
N ILE B 25 -2.24 -12.81 -4.44
CA ILE B 25 -3.41 -12.27 -5.14
C ILE B 25 -3.47 -10.76 -4.99
N ALA B 26 -3.16 -10.25 -3.80
CA ALA B 26 -3.31 -8.81 -3.56
C ALA B 26 -2.39 -8.01 -4.46
N LEU B 27 -1.13 -8.45 -4.61
CA LEU B 27 -0.20 -7.78 -5.49
C LEU B 27 -0.65 -7.87 -6.94
N LEU B 28 -1.15 -9.04 -7.35
CA LEU B 28 -1.61 -9.21 -8.71
C LEU B 28 -2.74 -8.24 -9.03
N ARG B 29 -3.71 -8.10 -8.11
CA ARG B 29 -4.80 -7.14 -8.31
C ARG B 29 -4.27 -5.71 -8.41
N GLU B 30 -3.31 -5.37 -7.55
CA GLU B 30 -2.77 -4.00 -7.57
C GLU B 30 -2.06 -3.72 -8.89
N MET B 31 -1.32 -4.70 -9.40
CA MET B 31 -0.65 -4.53 -10.68
C MET B 31 -1.67 -4.28 -11.80
N PHE B 32 -2.76 -5.06 -11.82
CA PHE B 32 -3.77 -4.85 -12.85
C PHE B 32 -4.39 -3.46 -12.74
N GLU B 33 -4.59 -2.95 -11.53
CA GLU B 33 -5.23 -1.64 -11.41
C GLU B 33 -4.24 -0.51 -11.70
N LYS B 34 -3.08 -0.52 -11.04
CA LYS B 34 -2.23 0.66 -11.09
C LYS B 34 -1.28 0.66 -12.28
N MET B 35 -0.94 -0.51 -12.83
CA MET B 35 -0.14 -0.56 -14.07
C MET B 35 -1.01 -0.70 -15.32
N VAL B 36 -1.90 -1.67 -15.37
CA VAL B 36 -2.58 -1.97 -16.63
C VAL B 36 -3.71 -0.99 -16.89
N VAL B 37 -4.73 -0.96 -16.03
CA VAL B 37 -5.84 -0.04 -16.24
C VAL B 37 -5.37 1.41 -16.31
N ALA B 38 -4.45 1.80 -15.41
CA ALA B 38 -3.91 3.16 -15.46
C ALA B 38 -2.92 3.37 -16.60
N LYS B 39 -2.51 2.32 -17.30
CA LYS B 39 -1.55 2.41 -18.41
C LYS B 39 -0.28 3.14 -17.99
N ASN B 40 0.30 2.69 -16.88
CA ASN B 40 1.41 3.42 -16.24
C ASN B 40 2.68 2.62 -16.49
N ALA B 41 3.43 3.00 -17.53
CA ALA B 41 4.62 2.24 -17.87
C ALA B 41 5.70 2.39 -16.81
N GLU B 42 5.67 3.47 -16.03
CA GLU B 42 6.67 3.62 -14.97
C GLU B 42 6.57 2.54 -13.93
N LEU B 43 5.45 1.81 -13.86
CA LEU B 43 5.31 0.78 -12.84
C LEU B 43 5.64 -0.62 -13.35
N ILE B 44 6.06 -0.77 -14.60
CA ILE B 44 6.43 -2.10 -15.09
C ILE B 44 7.61 -2.65 -14.30
N GLY B 45 8.66 -1.85 -14.16
CA GLY B 45 9.80 -2.27 -13.35
C GLY B 45 9.48 -2.35 -11.88
N HIS B 46 8.39 -1.73 -11.45
CA HIS B 46 7.98 -1.81 -10.06
C HIS B 46 7.35 -3.16 -9.72
N TYR B 47 6.47 -3.65 -10.58
CA TYR B 47 5.75 -4.88 -10.28
C TYR B 47 6.43 -6.13 -10.80
N TYR B 48 7.39 -6.00 -11.73
CA TYR B 48 7.98 -7.14 -12.43
C TYR B 48 9.47 -7.25 -12.13
N ASP B 49 9.91 -8.47 -11.85
CA ASP B 49 11.30 -8.76 -11.53
C ASP B 49 12.18 -8.51 -12.76
N PRO B 50 13.44 -8.10 -12.55
CA PRO B 50 14.31 -7.85 -13.71
C PRO B 50 14.60 -9.10 -14.54
N ASP B 51 14.46 -10.29 -13.95
CA ASP B 51 14.64 -11.56 -14.64
C ASP B 51 13.30 -12.17 -15.09
N PHE B 52 12.23 -11.38 -15.10
CA PHE B 52 10.91 -11.84 -15.51
C PHE B 52 10.94 -12.45 -16.90
N VAL B 53 10.14 -13.50 -17.10
CA VAL B 53 9.89 -14.07 -18.41
C VAL B 53 8.38 -14.29 -18.51
N MET B 54 7.78 -13.82 -19.60
CA MET B 54 6.36 -14.02 -19.88
CA MET B 54 6.38 -14.02 -19.89
C MET B 54 6.20 -15.13 -20.91
N TYR B 55 5.31 -16.08 -20.61
CA TYR B 55 4.84 -17.07 -21.57
C TYR B 55 3.38 -16.76 -21.82
N SER B 56 3.03 -16.45 -23.07
CA SER B 56 1.65 -16.02 -23.34
C SER B 56 1.28 -16.37 -24.78
N ASP B 57 0.36 -17.34 -24.95
CA ASP B 57 -0.17 -17.68 -26.28
C ASP B 57 0.94 -17.92 -27.30
N GLY B 58 1.95 -18.69 -26.90
CA GLY B 58 3.01 -19.07 -27.81
C GLY B 58 4.17 -18.11 -27.86
N LEU B 59 4.06 -16.94 -27.24
CA LEU B 59 5.12 -15.95 -27.20
C LEU B 59 5.89 -16.11 -25.89
N ARG B 60 7.21 -16.01 -25.94
CA ARG B 60 8.07 -15.99 -24.76
C ARG B 60 8.86 -14.68 -24.76
N GLN B 61 8.66 -13.86 -23.74
CA GLN B 61 9.32 -12.55 -23.69
C GLN B 61 10.04 -12.35 -22.37
N GLU B 62 11.31 -11.95 -22.45
CA GLU B 62 12.06 -11.57 -21.27
C GLU B 62 11.70 -10.14 -20.87
N PHE B 63 12.15 -9.74 -19.68
CA PHE B 63 11.71 -8.48 -19.10
C PHE B 63 11.86 -7.29 -20.06
N ALA B 64 13.02 -7.18 -20.70
CA ALA B 64 13.31 -5.98 -21.49
C ALA B 64 12.33 -5.84 -22.64
N GLU B 65 12.06 -6.95 -23.34
CA GLU B 65 11.13 -6.90 -24.47
C GLU B 65 9.70 -6.76 -23.97
N PHE B 66 9.36 -7.39 -22.85
CA PHE B 66 8.05 -7.21 -22.25
C PHE B 66 7.81 -5.75 -21.87
N SER B 67 8.81 -5.11 -21.25
CA SER B 67 8.66 -3.73 -20.84
C SER B 67 8.52 -2.79 -22.04
N GLU B 68 9.37 -2.96 -23.06
CA GLU B 68 9.26 -2.13 -24.26
C GLU B 68 7.91 -2.30 -24.92
N GLY B 69 7.43 -3.54 -25.03
CA GLY B 69 6.15 -3.77 -25.67
C GLY B 69 4.98 -3.16 -24.90
N HIS B 70 5.00 -3.28 -23.57
CA HIS B 70 3.91 -2.69 -22.82
C HIS B 70 4.03 -1.19 -22.72
N ARG B 71 5.25 -0.65 -22.73
CA ARG B 71 5.40 0.80 -22.83
C ARG B 71 4.75 1.33 -24.11
N LYS B 72 4.83 0.57 -25.21
CA LYS B 72 4.20 1.04 -26.46
C LYS B 72 2.69 0.87 -26.43
N ILE B 73 2.19 -0.22 -25.83
CA ILE B 73 0.75 -0.36 -25.63
C ILE B 73 0.21 0.85 -24.88
N TYR B 74 0.86 1.22 -23.77
CA TYR B 74 0.37 2.30 -22.92
C TYR B 74 0.49 3.68 -23.56
N ALA B 75 1.28 3.84 -24.61
CA ALA B 75 1.27 5.09 -25.38
C ALA B 75 0.22 5.08 -26.47
N SER B 76 -0.49 3.96 -26.66
CA SER B 76 -1.53 3.85 -27.67
C SER B 76 -2.88 4.28 -27.11
N ALA B 77 -3.87 4.31 -27.99
CA ALA B 77 -5.20 4.77 -27.60
C ALA B 77 -6.02 3.69 -26.90
N ILE B 78 -5.40 2.57 -26.53
CA ILE B 78 -6.13 1.47 -25.91
C ILE B 78 -6.66 1.87 -24.54
N SER B 79 -7.79 1.27 -24.15
CA SER B 79 -8.30 1.36 -22.78
C SER B 79 -8.57 -0.05 -22.27
N TYR B 80 -8.39 -0.24 -20.97
CA TYR B 80 -8.47 -1.55 -20.34
C TYR B 80 -9.56 -1.59 -19.26
N ALA B 81 -10.20 -2.75 -19.11
CA ALA B 81 -11.00 -3.07 -17.94
C ALA B 81 -10.66 -4.50 -17.52
N ILE B 82 -10.70 -4.75 -16.20
CA ILE B 82 -10.30 -6.06 -15.66
C ILE B 82 -11.41 -6.59 -14.78
N GLU B 83 -11.75 -7.88 -14.96
CA GLU B 83 -12.69 -8.58 -14.12
CA GLU B 83 -12.71 -8.58 -14.12
C GLU B 83 -12.07 -9.90 -13.66
N TYR B 84 -12.48 -10.36 -12.48
CA TYR B 84 -11.92 -11.58 -11.92
C TYR B 84 -13.01 -12.63 -11.71
N ASP B 85 -12.65 -13.90 -11.89
CA ASP B 85 -13.52 -14.98 -11.41
C ASP B 85 -13.10 -15.29 -9.97
N GLU B 86 -13.90 -14.85 -9.00
CA GLU B 86 -13.44 -15.01 -7.63
C GLU B 86 -13.54 -16.44 -7.13
N ASP B 87 -14.16 -17.35 -7.90
CA ASP B 87 -14.15 -18.75 -7.52
C ASP B 87 -12.90 -19.50 -7.99
N ALA B 88 -12.08 -18.92 -8.86
CA ALA B 88 -11.07 -19.68 -9.59
C ALA B 88 -9.66 -19.55 -9.03
N TRP B 89 -9.45 -18.81 -7.94
CA TRP B 89 -8.08 -18.56 -7.46
C TRP B 89 -7.41 -19.81 -6.89
N VAL B 90 -6.11 -19.94 -7.13
CA VAL B 90 -5.26 -20.90 -6.43
C VAL B 90 -4.11 -20.11 -5.81
N GLN B 91 -3.84 -20.32 -4.53
CA GLN B 91 -2.74 -19.62 -3.87
C GLN B 91 -1.80 -20.61 -3.21
N ALA B 92 -0.50 -20.43 -3.44
CA ALA B 92 0.52 -21.24 -2.80
C ALA B 92 1.72 -20.34 -2.55
N PRO B 93 2.72 -20.81 -1.77
CA PRO B 93 3.85 -19.92 -1.48
C PRO B 93 4.48 -19.30 -2.73
N ASP B 94 4.48 -17.97 -2.74
CA ASP B 94 5.03 -17.16 -3.83
C ASP B 94 4.34 -17.40 -5.17
N ARG B 95 3.11 -17.93 -5.19
CA ARG B 95 2.44 -18.23 -6.45
C ARG B 95 0.95 -17.94 -6.40
N VAL B 96 0.39 -17.57 -7.54
CA VAL B 96 -1.06 -17.41 -7.65
C VAL B 96 -1.46 -17.84 -9.05
N ALA B 97 -2.61 -18.49 -9.15
CA ALA B 97 -3.25 -18.75 -10.43
C ALA B 97 -4.68 -18.25 -10.39
N GLY B 98 -5.17 -17.79 -11.53
CA GLY B 98 -6.52 -17.28 -11.52
C GLY B 98 -7.07 -17.15 -12.93
N ARG B 99 -8.32 -16.75 -13.00
CA ARG B 99 -9.09 -16.60 -14.23
C ARG B 99 -9.59 -15.17 -14.28
N VAL B 100 -9.17 -14.43 -15.32
CA VAL B 100 -9.50 -13.01 -15.40
C VAL B 100 -10.01 -12.74 -16.80
N TRP B 101 -10.77 -11.66 -16.93
CA TRP B 101 -11.20 -11.16 -18.23
C TRP B 101 -10.66 -9.76 -18.42
N ILE B 102 -9.98 -9.55 -19.54
CA ILE B 102 -9.41 -8.27 -19.89
C ILE B 102 -10.17 -7.73 -21.08
N THR B 103 -10.83 -6.59 -20.90
CA THR B 103 -11.54 -5.93 -21.98
C THR B 103 -10.68 -4.82 -22.54
N THR B 104 -10.47 -4.84 -23.85
CA THR B 104 -9.67 -3.82 -24.52
C THR B 104 -10.59 -3.05 -25.47
N SER B 105 -10.44 -1.73 -25.53
CA SER B 105 -11.16 -0.96 -26.51
C SER B 105 -10.26 0.16 -27.04
N ARG B 106 -10.59 0.62 -28.24
CA ARG B 106 -10.03 1.81 -28.85
C ARG B 106 -11.19 2.69 -29.28
N PRO B 107 -10.99 4.01 -29.34
CA PRO B 107 -12.10 4.90 -29.70
C PRO B 107 -12.67 4.54 -31.07
N GLY B 108 -14.00 4.39 -31.12
CA GLY B 108 -14.71 4.08 -32.33
C GLY B 108 -14.71 2.61 -32.73
N GLU B 109 -14.13 1.75 -31.91
CA GLU B 109 -13.95 0.35 -32.22
C GLU B 109 -14.69 -0.48 -31.18
N LYS B 110 -15.31 -1.57 -31.63
CA LYS B 110 -15.98 -2.47 -30.71
C LYS B 110 -14.99 -3.04 -29.68
N PRO B 111 -15.29 -2.96 -28.39
CA PRO B 111 -14.40 -3.56 -27.40
C PRO B 111 -14.33 -5.07 -27.57
N THR B 112 -13.22 -5.64 -27.12
CA THR B 112 -12.99 -7.08 -27.13
C THR B 112 -12.77 -7.55 -25.70
N ARG B 113 -13.52 -8.57 -25.28
CA ARG B 113 -13.33 -9.12 -23.95
C ARG B 113 -12.64 -10.47 -24.10
N ILE B 114 -11.49 -10.60 -23.42
CA ILE B 114 -10.58 -11.72 -23.56
CA ILE B 114 -10.58 -11.72 -23.56
C ILE B 114 -10.54 -12.46 -22.23
N GLU B 115 -10.73 -13.79 -22.26
CA GLU B 115 -10.59 -14.58 -21.05
C GLU B 115 -9.15 -15.08 -20.91
N VAL B 116 -8.59 -14.97 -19.71
CA VAL B 116 -7.20 -15.32 -19.45
C VAL B 116 -7.17 -16.29 -18.28
N ILE B 117 -6.47 -17.41 -18.45
CA ILE B 117 -6.09 -18.24 -17.32
C ILE B 117 -4.59 -18.04 -17.14
N LEU B 118 -4.19 -17.66 -15.94
CA LEU B 118 -2.81 -17.27 -15.73
C LEU B 118 -2.26 -17.89 -14.45
N ILE B 119 -0.97 -18.17 -14.50
CA ILE B 119 -0.18 -18.60 -13.36
C ILE B 119 0.94 -17.60 -13.18
N ALA B 120 1.09 -17.06 -11.97
CA ALA B 120 2.14 -16.07 -11.71
C ALA B 120 3.00 -16.55 -10.55
N ALA B 121 4.32 -16.51 -10.74
CA ALA B 121 5.26 -16.86 -9.69
C ALA B 121 6.03 -15.60 -9.32
N TYR B 122 6.19 -15.38 -8.02
CA TYR B 122 6.75 -14.15 -7.46
C TYR B 122 8.12 -14.39 -6.84
N ARG B 123 8.95 -13.35 -6.87
CA ARG B 123 10.21 -13.28 -6.14
CA ARG B 123 10.19 -13.29 -6.12
C ARG B 123 10.25 -11.94 -5.43
N ASP B 124 10.27 -11.96 -4.10
CA ASP B 124 10.31 -10.75 -3.28
C ASP B 124 9.27 -9.71 -3.72
N GLY B 125 8.04 -10.17 -3.89
CA GLY B 125 6.95 -9.27 -4.22
C GLY B 125 6.85 -8.86 -5.66
N ARG B 126 7.78 -9.27 -6.52
CA ARG B 126 7.74 -8.93 -7.93
C ARG B 126 7.49 -10.17 -8.76
N ILE B 127 6.76 -9.99 -9.85
CA ILE B 127 6.40 -11.10 -10.72
C ILE B 127 7.64 -11.58 -11.44
N HIS B 128 7.93 -12.87 -11.32
CA HIS B 128 9.12 -13.46 -11.91
C HIS B 128 8.80 -14.35 -13.11
N ARG B 129 7.63 -14.97 -13.12
CA ARG B 129 7.18 -15.74 -14.26
C ARG B 129 5.68 -15.56 -14.38
N ILE B 130 5.21 -15.45 -15.62
CA ILE B 130 3.80 -15.60 -15.95
C ILE B 130 3.70 -16.66 -17.04
N TRP B 131 2.79 -17.60 -16.84
CA TRP B 131 2.37 -18.53 -17.89
C TRP B 131 0.87 -18.31 -18.10
N GLU B 132 0.48 -17.99 -19.33
CA GLU B 132 -0.94 -17.68 -19.52
C GLU B 132 -1.38 -18.05 -20.93
N THR B 133 -2.67 -18.36 -21.06
CA THR B 133 -3.31 -18.58 -22.34
C THR B 133 -4.62 -17.82 -22.32
N THR B 134 -5.07 -17.40 -23.49
CA THR B 134 -6.20 -16.49 -23.55
C THR B 134 -7.16 -16.94 -24.63
N TRP B 135 -8.43 -16.61 -24.43
CA TRP B 135 -9.43 -16.93 -25.44
C TRP B 135 -10.41 -15.77 -25.54
N PRO B 136 -10.64 -15.21 -26.74
CA PRO B 136 -9.90 -15.45 -27.99
C PRO B 136 -8.46 -14.99 -27.82
N SER B 137 -7.50 -15.50 -28.60
CA SER B 137 -6.10 -15.12 -28.38
C SER B 137 -5.91 -13.62 -28.52
N TRP B 138 -5.20 -13.02 -27.55
CA TRP B 138 -4.98 -11.58 -27.62
C TRP B 138 -4.11 -11.20 -28.80
N ARG B 139 -3.34 -12.15 -29.34
CA ARG B 139 -2.39 -11.81 -30.38
C ARG B 139 -3.08 -11.50 -31.71
N ASN B 140 -4.36 -11.85 -31.84
CA ASN B 140 -5.14 -11.57 -33.03
C ASN B 140 -6.14 -10.43 -32.83
N VAL B 141 -6.15 -9.80 -31.68
CA VAL B 141 -7.00 -8.63 -31.41
C VAL B 141 -6.36 -7.42 -32.07
N ALA B 142 -7.14 -6.70 -32.89
CA ALA B 142 -6.56 -5.66 -33.75
C ALA B 142 -5.78 -4.63 -32.95
N ALA B 143 -6.27 -4.29 -31.75
CA ALA B 143 -5.59 -3.32 -30.89
C ALA B 143 -4.22 -3.80 -30.42
N LEU B 144 -3.94 -5.11 -30.50
CA LEU B 144 -2.65 -5.65 -30.07
C LEU B 144 -1.94 -6.38 -31.20
N GLU B 145 -2.43 -6.26 -32.43
CA GLU B 145 -1.87 -7.04 -33.53
C GLU B 145 -0.42 -6.67 -33.82
N ASP B 146 -0.06 -5.41 -33.58
CA ASP B 146 1.28 -4.92 -33.89
C ASP B 146 2.24 -5.08 -32.72
N TYR B 147 1.87 -5.85 -31.70
CA TYR B 147 2.72 -6.05 -30.53
C TYR B 147 4.01 -6.74 -30.95
N MET C 22 -29.68 3.24 23.38
CA MET C 22 -28.94 4.10 24.30
C MET C 22 -28.04 5.09 23.55
N VAL C 23 -26.97 4.57 22.92
CA VAL C 23 -26.04 5.43 22.20
C VAL C 23 -26.73 6.01 20.97
N SER C 24 -26.59 7.32 20.80
CA SER C 24 -27.41 8.08 19.85
C SER C 24 -26.89 9.51 19.80
N ILE C 25 -27.39 10.25 18.81
CA ILE C 25 -27.22 11.70 18.78
C ILE C 25 -27.62 12.31 20.12
N ALA C 26 -28.71 11.81 20.71
CA ALA C 26 -29.18 12.36 21.99
C ALA C 26 -28.12 12.27 23.08
N LEU C 27 -27.36 11.18 23.10
CA LEU C 27 -26.35 11.00 24.15
C LEU C 27 -25.19 11.95 23.96
N LEU C 28 -24.77 12.16 22.71
CA LEU C 28 -23.72 13.14 22.45
C LEU C 28 -24.19 14.53 22.82
N ARG C 29 -25.43 14.88 22.45
CA ARG C 29 -25.98 16.19 22.82
CA ARG C 29 -25.97 16.18 22.81
C ARG C 29 -25.97 16.38 24.33
N GLU C 30 -26.39 15.36 25.08
CA GLU C 30 -26.45 15.48 26.53
C GLU C 30 -25.07 15.76 27.12
N MET C 31 -24.03 15.07 26.63
CA MET C 31 -22.68 15.36 27.04
C MET C 31 -22.35 16.83 26.84
N PHE C 32 -22.68 17.37 25.66
CA PHE C 32 -22.38 18.78 25.38
C PHE C 32 -23.09 19.70 26.36
N GLU C 33 -24.37 19.43 26.63
CA GLU C 33 -25.13 20.33 27.50
C GLU C 33 -24.78 20.13 28.96
N LYS C 34 -24.65 18.88 29.39
CA LYS C 34 -24.50 18.59 30.81
C LYS C 34 -23.06 18.60 31.28
N MET C 35 -22.10 18.37 30.38
CA MET C 35 -20.70 18.44 30.79
C MET C 35 -20.03 19.72 30.32
N VAL C 36 -20.16 20.07 29.04
CA VAL C 36 -19.41 21.20 28.49
C VAL C 36 -20.05 22.53 28.88
N VAL C 37 -21.28 22.77 28.43
CA VAL C 37 -21.97 24.01 28.74
C VAL C 37 -22.04 24.23 30.25
N ALA C 38 -22.33 23.16 31.00
CA ALA C 38 -22.43 23.26 32.45
C ALA C 38 -21.06 23.30 33.14
N LYS C 39 -19.98 22.99 32.42
CA LYS C 39 -18.63 22.97 32.99
C LYS C 39 -18.57 22.09 34.23
N ASN C 40 -19.15 20.90 34.09
CA ASN C 40 -19.33 19.97 35.19
C ASN C 40 -18.31 18.86 35.05
N ALA C 41 -17.14 19.07 35.67
CA ALA C 41 -16.07 18.09 35.57
C ALA C 41 -16.43 16.77 36.25
N GLU C 42 -17.36 16.80 37.20
CA GLU C 42 -17.79 15.57 37.87
C GLU C 42 -18.33 14.54 36.89
N LEU C 43 -18.85 14.97 35.74
CA LEU C 43 -19.47 14.06 34.79
C LEU C 43 -18.53 13.61 33.68
N ILE C 44 -17.26 14.00 33.74
CA ILE C 44 -16.30 13.50 32.75
C ILE C 44 -16.27 11.99 32.78
N GLY C 45 -16.15 11.41 33.97
CA GLY C 45 -16.23 9.95 34.12
C GLY C 45 -17.59 9.36 33.85
N HIS C 46 -18.65 10.19 33.79
CA HIS C 46 -19.96 9.68 33.44
C HIS C 46 -20.10 9.46 31.94
N TYR C 47 -19.61 10.41 31.13
CA TYR C 47 -19.78 10.36 29.67
C TYR C 47 -18.60 9.74 28.94
N TYR C 48 -17.44 9.62 29.56
CA TYR C 48 -16.25 9.15 28.87
C TYR C 48 -15.76 7.85 29.48
N ASP C 49 -15.38 6.92 28.60
CA ASP C 49 -14.87 5.62 29.00
C ASP C 49 -13.47 5.78 29.61
N PRO C 50 -13.09 4.88 30.54
CA PRO C 50 -11.75 4.99 31.15
C PRO C 50 -10.60 4.91 30.16
N ASP C 51 -10.74 4.17 29.06
CA ASP C 51 -9.71 4.06 28.04
C ASP C 51 -9.94 5.03 26.89
N PHE C 52 -10.73 6.08 27.13
CA PHE C 52 -11.00 7.08 26.11
C PHE C 52 -9.71 7.73 25.63
N VAL C 53 -9.67 8.05 24.34
CA VAL C 53 -8.57 8.80 23.74
C VAL C 53 -9.21 9.85 22.84
N MET C 54 -8.76 11.10 23.00
CA MET C 54 -9.22 12.20 22.16
CA MET C 54 -9.21 12.20 22.17
C MET C 54 -8.16 12.52 21.11
N TYR C 55 -8.58 12.62 19.86
CA TYR C 55 -7.78 13.15 18.78
C TYR C 55 -8.44 14.45 18.34
N SER C 56 -7.72 15.57 18.46
CA SER C 56 -8.28 16.88 18.17
C SER C 56 -7.18 17.79 17.63
N ASP C 57 -7.32 18.22 16.37
CA ASP C 57 -6.42 19.19 15.76
C ASP C 57 -4.95 18.84 16.02
N GLY C 58 -4.61 17.57 15.85
CA GLY C 58 -3.25 17.11 15.95
C GLY C 58 -2.79 16.72 17.35
N LEU C 59 -3.60 16.94 18.37
CA LEU C 59 -3.29 16.46 19.70
C LEU C 59 -3.90 15.08 19.91
N ARG C 60 -3.18 14.22 20.62
CA ARG C 60 -3.70 12.95 21.10
C ARG C 60 -3.63 12.97 22.63
N GLN C 61 -4.79 12.83 23.28
CA GLN C 61 -4.87 12.87 24.75
C GLN C 61 -5.60 11.64 25.26
N GLU C 62 -4.96 10.88 26.14
CA GLU C 62 -5.68 9.82 26.81
C GLU C 62 -6.49 10.39 27.97
N PHE C 63 -7.27 9.52 28.60
CA PHE C 63 -8.31 9.95 29.54
C PHE C 63 -7.74 10.81 30.67
N ALA C 64 -6.63 10.37 31.28
CA ALA C 64 -6.08 11.09 32.42
C ALA C 64 -5.73 12.53 32.05
N GLU C 65 -5.04 12.70 30.91
CA GLU C 65 -4.67 14.05 30.46
C GLU C 65 -5.90 14.84 30.05
N PHE C 66 -6.79 14.20 29.29
CA PHE C 66 -8.06 14.83 28.90
C PHE C 66 -8.85 15.30 30.13
N SER C 67 -8.90 14.47 31.16
CA SER C 67 -9.73 14.80 32.31
C SER C 67 -9.13 15.93 33.14
N GLU C 68 -7.82 15.88 33.40
CA GLU C 68 -7.16 16.96 34.13
C GLU C 68 -7.24 18.27 33.36
N GLY C 69 -7.04 18.21 32.04
CA GLY C 69 -7.14 19.42 31.24
C GLY C 69 -8.52 20.05 31.27
N HIS C 70 -9.57 19.22 31.21
CA HIS C 70 -10.91 19.80 31.20
C HIS C 70 -11.34 20.25 32.58
N ARG C 71 -10.83 19.60 33.63
CA ARG C 71 -11.04 20.14 34.97
C ARG C 71 -10.44 21.53 35.09
N LYS C 72 -9.21 21.73 34.59
CA LYS C 72 -8.62 23.06 34.65
C LYS C 72 -9.44 24.07 33.86
N ILE C 73 -9.90 23.68 32.66
CA ILE C 73 -10.72 24.57 31.84
C ILE C 73 -11.99 24.96 32.58
N TYR C 74 -12.67 23.97 33.16
CA TYR C 74 -13.95 24.23 33.78
C TYR C 74 -13.83 25.05 35.05
N ALA C 75 -12.65 25.09 35.67
CA ALA C 75 -12.42 25.99 36.80
C ALA C 75 -12.03 27.40 36.36
N SER C 76 -11.79 27.61 35.06
CA SER C 76 -11.49 28.93 34.52
C SER C 76 -12.78 29.71 34.27
N ALA C 77 -12.63 30.97 33.86
CA ALA C 77 -13.80 31.83 33.63
C ALA C 77 -14.43 31.63 32.24
N ILE C 78 -14.23 30.52 31.58
CA ILE C 78 -14.77 30.38 30.23
C ILE C 78 -16.27 30.09 30.30
N SER C 79 -16.99 30.55 29.28
CA SER C 79 -18.40 30.16 29.07
C SER C 79 -18.53 29.55 27.69
N TYR C 80 -19.40 28.54 27.57
CA TYR C 80 -19.64 27.82 26.33
C TYR C 80 -21.10 27.95 25.91
N ALA C 81 -21.32 28.00 24.59
CA ALA C 81 -22.63 27.89 23.98
C ALA C 81 -22.48 27.02 22.74
N ILE C 82 -23.48 26.19 22.46
CA ILE C 82 -23.35 25.21 21.39
C ILE C 82 -24.55 25.32 20.47
N GLU C 83 -24.27 25.32 19.15
CA GLU C 83 -25.30 25.22 18.13
C GLU C 83 -25.03 23.97 17.30
N TYR C 84 -26.09 23.27 16.88
CA TYR C 84 -25.96 22.03 16.13
C TYR C 84 -26.35 22.26 14.68
N ASP C 85 -25.67 21.57 13.77
CA ASP C 85 -26.13 21.50 12.38
C ASP C 85 -26.98 20.25 12.25
N GLU C 86 -28.31 20.43 12.27
CA GLU C 86 -29.20 19.28 12.27
C GLU C 86 -29.22 18.55 10.94
N ASP C 87 -28.67 19.14 9.87
CA ASP C 87 -28.53 18.44 8.60
C ASP C 87 -27.38 17.44 8.58
N ALA C 88 -26.41 17.54 9.50
CA ALA C 88 -25.12 16.88 9.32
C ALA C 88 -24.96 15.59 10.11
N TRP C 89 -25.93 15.18 10.90
CA TRP C 89 -25.75 14.02 11.78
C TRP C 89 -25.55 12.73 10.97
N VAL C 90 -24.64 11.87 11.45
CA VAL C 90 -24.56 10.49 11.00
C VAL C 90 -24.66 9.60 12.24
N GLN C 91 -25.61 8.68 12.26
CA GLN C 91 -25.84 7.84 13.42
C GLN C 91 -25.74 6.37 13.03
N ALA C 92 -25.03 5.60 13.86
CA ALA C 92 -24.80 4.18 13.69
C ALA C 92 -24.85 3.53 15.07
N PRO C 93 -24.87 2.21 15.18
CA PRO C 93 -24.69 1.60 16.50
C PRO C 93 -23.31 1.93 17.07
N ASP C 94 -23.30 2.42 18.30
CA ASP C 94 -22.07 2.74 19.02
C ASP C 94 -21.23 3.82 18.33
N ARG C 95 -21.81 4.60 17.41
CA ARG C 95 -21.06 5.65 16.72
C ARG C 95 -21.98 6.77 16.24
N VAL C 96 -21.49 8.01 16.32
CA VAL C 96 -22.20 9.19 15.81
C VAL C 96 -21.18 10.19 15.30
N ALA C 97 -21.50 10.82 14.16
CA ALA C 97 -20.72 11.93 13.65
C ALA C 97 -21.63 13.14 13.47
N GLY C 98 -21.06 14.34 13.59
CA GLY C 98 -21.88 15.52 13.40
C GLY C 98 -21.04 16.78 13.34
N ARG C 99 -21.75 17.90 13.19
CA ARG C 99 -21.14 19.21 12.99
C ARG C 99 -21.78 20.20 13.96
N VAL C 100 -20.96 20.87 14.76
CA VAL C 100 -21.46 21.79 15.78
C VAL C 100 -20.61 23.05 15.77
N TRP C 101 -21.16 24.12 16.31
CA TRP C 101 -20.41 25.35 16.55
C TRP C 101 -20.31 25.56 18.05
N ILE C 102 -19.09 25.68 18.55
CA ILE C 102 -18.86 25.98 19.96
C ILE C 102 -18.47 27.44 20.05
N THR C 103 -19.24 28.22 20.81
CA THR C 103 -18.89 29.61 21.07
C THR C 103 -18.33 29.70 22.48
N THR C 104 -17.10 30.22 22.59
CA THR C 104 -16.41 30.37 23.86
C THR C 104 -16.28 31.85 24.17
N SER C 105 -16.50 32.22 25.43
CA SER C 105 -16.35 33.61 25.84
C SER C 105 -15.66 33.68 27.20
N ARG C 106 -14.99 34.80 27.44
CA ARG C 106 -14.34 35.13 28.69
C ARG C 106 -14.58 36.60 28.96
N PRO C 107 -14.55 37.02 30.23
CA PRO C 107 -14.60 38.45 30.53
C PRO C 107 -13.50 39.19 29.79
N GLY C 108 -13.88 40.29 29.15
CA GLY C 108 -12.92 41.16 28.51
C GLY C 108 -12.49 40.77 27.11
N GLU C 109 -12.97 39.65 26.59
CA GLU C 109 -12.69 39.22 25.22
C GLU C 109 -13.98 39.11 24.44
N LYS C 110 -13.87 39.28 23.11
CA LYS C 110 -14.98 38.95 22.24
C LYS C 110 -15.17 37.44 22.20
N PRO C 111 -16.40 36.97 22.04
CA PRO C 111 -16.63 35.54 21.89
C PRO C 111 -15.98 35.01 20.62
N THR C 112 -15.60 33.73 20.66
CA THR C 112 -15.02 33.02 19.52
C THR C 112 -15.94 31.86 19.15
N ARG C 113 -16.40 31.84 17.91
CA ARG C 113 -17.21 30.76 17.37
C ARG C 113 -16.31 29.76 16.67
N ILE C 114 -16.28 28.53 17.15
CA ILE C 114 -15.44 27.46 16.59
C ILE C 114 -16.33 26.39 15.98
N GLU C 115 -16.16 26.12 14.69
CA GLU C 115 -16.85 25.02 14.03
C GLU C 115 -16.11 23.71 14.31
N VAL C 116 -16.84 22.67 14.70
CA VAL C 116 -16.27 21.38 15.04
C VAL C 116 -16.97 20.28 14.24
N ILE C 117 -16.20 19.48 13.52
CA ILE C 117 -16.68 18.23 12.94
C ILE C 117 -16.04 17.09 13.72
N LEU C 118 -16.86 16.17 14.23
CA LEU C 118 -16.36 15.15 15.13
C LEU C 118 -17.02 13.80 14.87
N ILE C 119 -16.26 12.76 15.14
CA ILE C 119 -16.75 11.38 15.18
C ILE C 119 -16.55 10.90 16.60
N ALA C 120 -17.58 10.28 17.16
CA ALA C 120 -17.52 9.75 18.52
C ALA C 120 -17.90 8.28 18.47
N ALA C 121 -17.02 7.42 18.96
CA ALA C 121 -17.28 5.99 19.06
C ALA C 121 -17.45 5.61 20.53
N TYR C 122 -18.42 4.75 20.80
CA TYR C 122 -18.86 4.45 22.15
C TYR C 122 -18.53 3.02 22.56
N ARG C 123 -18.38 2.81 23.87
CA ARG C 123 -18.25 1.48 24.45
C ARG C 123 -19.02 1.46 25.76
N ASP C 124 -20.06 0.62 25.82
CA ASP C 124 -20.93 0.51 26.99
C ASP C 124 -21.49 1.87 27.40
N GLY C 125 -22.05 2.58 26.42
CA GLY C 125 -22.71 3.85 26.70
C GLY C 125 -21.81 5.02 27.03
N ARG C 126 -20.50 4.89 26.90
CA ARG C 126 -19.58 5.99 27.16
C ARG C 126 -18.71 6.23 25.93
N ILE C 127 -18.29 7.49 25.77
CA ILE C 127 -17.43 7.86 24.66
C ILE C 127 -16.07 7.20 24.84
N HIS C 128 -15.67 6.39 23.87
CA HIS C 128 -14.39 5.70 23.90
C HIS C 128 -13.36 6.34 22.97
N ARG C 129 -13.80 6.90 21.85
CA ARG C 129 -12.93 7.59 20.93
C ARG C 129 -13.64 8.83 20.39
N ILE C 130 -12.91 9.93 20.29
CA ILE C 130 -13.35 11.11 19.55
C ILE C 130 -12.24 11.49 18.58
N TRP C 131 -12.60 11.66 17.32
CA TRP C 131 -11.71 12.23 16.32
C TRP C 131 -12.41 13.50 15.81
N GLU C 132 -11.75 14.64 15.97
CA GLU C 132 -12.37 15.90 15.60
C GLU C 132 -11.33 16.84 15.01
N THR C 133 -11.82 17.77 14.18
CA THR C 133 -11.03 18.90 13.70
C THR C 133 -11.90 20.14 13.80
N THR C 134 -11.25 21.29 13.95
CA THR C 134 -11.97 22.53 14.24
C THR C 134 -11.47 23.64 13.33
N TRP C 135 -12.35 24.61 13.07
CA TRP C 135 -11.98 25.77 12.27
C TRP C 135 -12.66 26.99 12.86
N PRO C 136 -11.90 28.05 13.19
CA PRO C 136 -10.44 28.06 13.21
C PRO C 136 -9.95 27.19 14.36
N SER C 137 -8.70 26.71 14.32
CA SER C 137 -8.28 25.70 15.27
C SER C 137 -8.38 26.20 16.71
N TRP C 138 -8.99 25.39 17.58
CA TRP C 138 -9.17 25.80 18.96
C TRP C 138 -7.84 26.01 19.68
N ARG C 139 -6.79 25.34 19.24
CA ARG C 139 -5.50 25.44 19.91
C ARG C 139 -4.87 26.83 19.77
N ASN C 140 -5.42 27.70 18.93
CA ASN C 140 -4.96 29.07 18.81
C ASN C 140 -5.97 30.09 19.35
N VAL C 141 -7.01 29.62 20.05
CA VAL C 141 -7.98 30.49 20.70
C VAL C 141 -7.44 30.84 22.09
N ALA C 142 -7.38 32.13 22.40
CA ALA C 142 -6.70 32.59 23.61
C ALA C 142 -7.27 31.91 24.86
N ALA C 143 -8.59 31.78 24.95
CA ALA C 143 -9.22 31.12 26.09
C ALA C 143 -8.72 29.70 26.30
N LEU C 144 -8.11 29.07 25.28
CA LEU C 144 -7.71 27.67 25.35
C LEU C 144 -6.24 27.43 25.02
N GLU C 145 -5.45 28.50 24.85
CA GLU C 145 -4.06 28.36 24.43
C GLU C 145 -3.19 27.72 25.51
N ASP C 146 -3.57 27.82 26.78
CA ASP C 146 -2.81 27.22 27.86
C ASP C 146 -3.19 25.76 28.12
N TYR C 147 -4.35 25.33 27.63
CA TYR C 147 -4.95 24.01 27.91
C TYR C 147 -3.99 22.88 28.30
N MET D 22 0.03 -32.62 0.36
CA MET D 22 -0.99 -32.37 -0.65
C MET D 22 -0.82 -33.35 -1.80
N VAL D 23 -1.91 -33.65 -2.50
CA VAL D 23 -1.91 -34.74 -3.46
C VAL D 23 -2.53 -34.28 -4.77
N SER D 24 -2.83 -32.98 -4.86
CA SER D 24 -3.59 -32.49 -6.00
C SER D 24 -2.81 -32.62 -7.31
N ILE D 25 -1.51 -32.28 -7.31
CA ILE D 25 -0.74 -32.45 -8.54
C ILE D 25 -0.72 -33.91 -8.96
N ALA D 26 -0.46 -34.80 -8.00
CA ALA D 26 -0.39 -36.22 -8.30
C ALA D 26 -1.72 -36.74 -8.84
N LEU D 27 -2.83 -36.28 -8.26
CA LEU D 27 -4.13 -36.75 -8.70
C LEU D 27 -4.44 -36.27 -10.11
N LEU D 28 -4.11 -35.01 -10.41
CA LEU D 28 -4.32 -34.48 -11.75
C LEU D 28 -3.50 -35.26 -12.77
N ARG D 29 -2.22 -35.54 -12.44
CA ARG D 29 -1.38 -36.36 -13.31
C ARG D 29 -1.99 -37.74 -13.53
N GLU D 30 -2.44 -38.38 -12.44
CA GLU D 30 -3.04 -39.70 -12.58
C GLU D 30 -4.21 -39.67 -13.56
N MET D 31 -5.07 -38.64 -13.45
CA MET D 31 -6.21 -38.52 -14.35
C MET D 31 -5.73 -38.39 -15.79
N PHE D 32 -4.69 -37.58 -16.04
CA PHE D 32 -4.18 -37.42 -17.40
C PHE D 32 -3.67 -38.73 -17.96
N GLU D 33 -3.01 -39.54 -17.12
CA GLU D 33 -2.41 -40.77 -17.64
C GLU D 33 -3.42 -41.91 -17.71
N LYS D 34 -4.26 -42.08 -16.69
CA LYS D 34 -5.13 -43.24 -16.61
C LYS D 34 -6.47 -43.03 -17.31
N MET D 35 -6.88 -41.80 -17.52
CA MET D 35 -8.11 -41.53 -18.25
C MET D 35 -7.84 -40.99 -19.64
N VAL D 36 -7.05 -39.92 -19.79
CA VAL D 36 -6.89 -39.30 -21.10
C VAL D 36 -6.00 -40.15 -22.01
N VAL D 37 -4.72 -40.31 -21.63
CA VAL D 37 -3.79 -41.05 -22.48
C VAL D 37 -4.28 -42.47 -22.70
N ALA D 38 -4.83 -43.10 -21.65
CA ALA D 38 -5.36 -44.45 -21.77
C ALA D 38 -6.72 -44.51 -22.46
N LYS D 39 -7.37 -43.37 -22.72
CA LYS D 39 -8.69 -43.31 -23.34
C LYS D 39 -9.67 -44.24 -22.66
N ASN D 40 -9.70 -44.17 -21.34
CA ASN D 40 -10.48 -45.08 -20.50
C ASN D 40 -11.73 -44.34 -20.03
N ALA D 41 -12.82 -44.49 -20.78
CA ALA D 41 -14.05 -43.80 -20.42
C ALA D 41 -14.63 -44.32 -19.11
N GLU D 42 -14.29 -45.55 -18.72
CA GLU D 42 -14.83 -46.07 -17.48
C GLU D 42 -14.29 -45.36 -16.25
N LEU D 43 -13.22 -44.58 -16.41
CA LEU D 43 -12.63 -43.85 -15.29
C LEU D 43 -13.08 -42.41 -15.22
N ILE D 44 -13.96 -41.96 -16.12
CA ILE D 44 -14.42 -40.58 -16.08
C ILE D 44 -15.09 -40.30 -14.73
N GLY D 45 -15.99 -41.18 -14.31
CA GLY D 45 -16.70 -40.99 -13.05
C GLY D 45 -15.84 -41.25 -11.84
N HIS D 46 -14.70 -41.93 -12.02
CA HIS D 46 -13.75 -42.10 -10.91
C HIS D 46 -13.00 -40.82 -10.62
N TYR D 47 -12.65 -40.07 -11.66
CA TYR D 47 -11.84 -38.87 -11.46
C TYR D 47 -12.64 -37.59 -11.35
N TYR D 48 -13.91 -37.59 -11.76
CA TYR D 48 -14.72 -36.38 -11.86
C TYR D 48 -15.97 -36.52 -11.00
N ASP D 49 -16.25 -35.48 -10.22
CA ASP D 49 -17.42 -35.41 -9.36
C ASP D 49 -18.68 -35.34 -10.21
N PRO D 50 -19.79 -35.93 -9.76
CA PRO D 50 -21.04 -35.89 -10.56
C PRO D 50 -21.55 -34.50 -10.85
N ASP D 51 -21.20 -33.49 -10.04
CA ASP D 51 -21.58 -32.11 -10.26
C ASP D 51 -20.48 -31.28 -10.95
N PHE D 52 -19.56 -31.96 -11.63
CA PHE D 52 -18.44 -31.31 -12.29
C PHE D 52 -18.91 -30.38 -13.39
N VAL D 53 -18.26 -29.24 -13.52
CA VAL D 53 -18.46 -28.34 -14.65
C VAL D 53 -17.11 -27.95 -15.22
N MET D 54 -17.01 -27.99 -16.54
CA MET D 54 -15.80 -27.66 -17.27
CA MET D 54 -15.80 -27.64 -17.27
C MET D 54 -15.99 -26.32 -17.99
N TYR D 55 -15.06 -25.40 -17.80
CA TYR D 55 -14.98 -24.17 -18.60
C TYR D 55 -13.75 -24.30 -19.49
N SER D 56 -13.93 -24.25 -20.80
CA SER D 56 -12.79 -24.43 -21.69
C SER D 56 -12.95 -23.55 -22.92
N ASP D 57 -12.04 -22.58 -23.11
CA ASP D 57 -12.04 -21.72 -24.30
C ASP D 57 -13.43 -21.16 -24.60
N GLY D 58 -14.15 -20.73 -23.57
CA GLY D 58 -15.46 -20.14 -23.75
C GLY D 58 -16.64 -21.09 -23.63
N LEU D 59 -16.42 -22.40 -23.68
CA LEU D 59 -17.51 -23.34 -23.56
C LEU D 59 -17.69 -23.79 -22.12
N ARG D 60 -18.94 -24.00 -21.72
CA ARG D 60 -19.25 -24.55 -20.40
C ARG D 60 -20.00 -25.85 -20.58
N GLN D 61 -19.51 -26.91 -19.95
CA GLN D 61 -20.11 -28.23 -20.08
C GLN D 61 -20.34 -28.82 -18.69
N GLU D 62 -21.55 -29.30 -18.45
CA GLU D 62 -21.76 -30.03 -17.22
C GLU D 62 -21.32 -31.49 -17.40
N PHE D 63 -21.31 -32.23 -16.28
CA PHE D 63 -20.73 -33.58 -16.26
C PHE D 63 -21.31 -34.50 -17.34
N ALA D 64 -22.64 -34.55 -17.47
CA ALA D 64 -23.24 -35.50 -18.42
C ALA D 64 -22.74 -35.25 -19.84
N GLU D 65 -22.72 -33.99 -20.27
CA GLU D 65 -22.24 -33.66 -21.61
C GLU D 65 -20.75 -33.92 -21.73
N PHE D 66 -19.98 -33.51 -20.74
CA PHE D 66 -18.54 -33.79 -20.69
C PHE D 66 -18.27 -35.29 -20.81
N SER D 67 -19.02 -36.08 -20.05
CA SER D 67 -18.79 -37.52 -20.05
C SER D 67 -19.12 -38.14 -21.41
N GLU D 68 -20.28 -37.78 -21.95
CA GLU D 68 -20.69 -38.34 -23.24
C GLU D 68 -19.69 -37.96 -24.32
N GLY D 69 -19.25 -36.70 -24.31
CA GLY D 69 -18.30 -36.24 -25.31
C GLY D 69 -16.99 -36.99 -25.23
N HIS D 70 -16.47 -37.17 -24.02
CA HIS D 70 -15.19 -37.88 -23.91
C HIS D 70 -15.36 -39.37 -24.18
N ARG D 71 -16.50 -39.95 -23.83
CA ARG D 71 -16.76 -41.33 -24.22
C ARG D 71 -16.66 -41.51 -25.74
N LYS D 72 -17.27 -40.58 -26.50
CA LYS D 72 -17.20 -40.66 -27.96
C LYS D 72 -15.78 -40.48 -28.47
N ILE D 73 -15.05 -39.49 -27.93
CA ILE D 73 -13.67 -39.28 -28.34
C ILE D 73 -12.85 -40.53 -28.08
N TYR D 74 -13.01 -41.12 -26.90
CA TYR D 74 -12.21 -42.27 -26.54
C TYR D 74 -12.55 -43.49 -27.39
N ALA D 75 -13.72 -43.50 -28.01
CA ALA D 75 -14.07 -44.54 -28.97
C ALA D 75 -13.49 -44.27 -30.36
N SER D 76 -13.02 -43.05 -30.63
CA SER D 76 -12.46 -42.70 -31.93
C SER D 76 -11.01 -43.18 -32.04
N ALA D 77 -10.41 -42.96 -33.20
CA ALA D 77 -9.02 -43.34 -33.44
C ALA D 77 -8.03 -42.25 -33.00
N ILE D 78 -8.25 -41.63 -31.95
CA ILE D 78 -7.36 -40.57 -31.51
C ILE D 78 -6.30 -41.14 -30.58
N SER D 79 -5.11 -40.53 -30.58
CA SER D 79 -4.06 -40.89 -29.64
CA SER D 79 -4.05 -40.90 -29.65
C SER D 79 -3.55 -39.63 -28.95
N TYR D 80 -3.26 -39.75 -27.65
CA TYR D 80 -2.84 -38.63 -26.82
C TYR D 80 -1.45 -38.84 -26.24
N ALA D 81 -0.67 -37.76 -26.15
CA ALA D 81 0.59 -37.72 -25.42
C ALA D 81 0.63 -36.42 -24.64
N ILE D 82 1.13 -36.46 -23.41
CA ILE D 82 1.06 -35.30 -22.54
C ILE D 82 2.45 -34.98 -22.01
N GLU D 83 2.80 -33.69 -22.05
CA GLU D 83 4.03 -33.17 -21.47
CA GLU D 83 4.04 -33.16 -21.47
C GLU D 83 3.67 -32.16 -20.38
N TYR D 84 4.41 -32.17 -19.28
CA TYR D 84 4.16 -31.27 -18.17
C TYR D 84 5.24 -30.19 -18.10
N ASP D 85 4.84 -28.96 -17.80
CA ASP D 85 5.80 -27.93 -17.44
C ASP D 85 6.01 -27.99 -15.94
N GLU D 86 7.11 -28.62 -15.50
CA GLU D 86 7.27 -28.84 -14.06
C GLU D 86 7.57 -27.56 -13.30
N ASP D 87 7.87 -26.46 -13.98
CA ASP D 87 8.07 -25.16 -13.33
C ASP D 87 6.79 -24.44 -12.97
N ALA D 88 5.68 -24.83 -13.56
CA ALA D 88 4.49 -23.98 -13.57
C ALA D 88 3.44 -24.39 -12.54
N TRP D 89 3.65 -25.46 -11.77
CA TRP D 89 2.59 -25.96 -10.89
C TRP D 89 2.27 -24.96 -9.78
N VAL D 90 0.99 -24.89 -9.41
CA VAL D 90 0.55 -24.24 -8.18
C VAL D 90 -0.29 -25.26 -7.42
N GLN D 91 0.11 -25.59 -6.19
CA GLN D 91 -0.60 -26.63 -5.45
C GLN D 91 -1.14 -26.07 -4.15
N ALA D 92 -2.43 -26.26 -3.93
CA ALA D 92 -3.12 -25.92 -2.69
C ALA D 92 -3.90 -27.12 -2.20
N PRO D 93 -4.39 -27.09 -0.96
CA PRO D 93 -5.38 -28.10 -0.55
C PRO D 93 -6.61 -27.97 -1.45
N ASP D 94 -6.88 -29.05 -2.18
CA ASP D 94 -8.07 -29.22 -3.00
C ASP D 94 -8.06 -28.35 -4.25
N ARG D 95 -6.93 -27.76 -4.63
CA ARG D 95 -6.85 -26.99 -5.87
C ARG D 95 -5.48 -27.15 -6.47
N VAL D 96 -5.42 -27.14 -7.81
CA VAL D 96 -4.14 -27.17 -8.52
C VAL D 96 -4.25 -26.33 -9.78
N ALA D 97 -3.15 -25.72 -10.16
CA ALA D 97 -3.03 -25.11 -11.48
C ALA D 97 -1.75 -25.62 -12.14
N GLY D 98 -1.78 -25.73 -13.46
CA GLY D 98 -0.56 -26.14 -14.13
C GLY D 98 -0.64 -25.86 -15.62
N ARG D 99 0.42 -26.25 -16.30
CA ARG D 99 0.64 -25.96 -17.71
C ARG D 99 1.09 -27.25 -18.37
N VAL D 100 0.33 -27.72 -19.37
CA VAL D 100 0.66 -28.97 -20.03
C VAL D 100 0.59 -28.76 -21.54
N TRP D 101 1.20 -29.68 -22.27
CA TRP D 101 1.03 -29.73 -23.71
C TRP D 101 0.42 -31.08 -24.03
N ILE D 102 -0.67 -31.06 -24.77
CA ILE D 102 -1.33 -32.27 -25.20
CA ILE D 102 -1.36 -32.26 -25.21
C ILE D 102 -1.11 -32.40 -26.70
N THR D 103 -0.55 -33.52 -27.12
CA THR D 103 -0.33 -33.81 -28.53
C THR D 103 -1.34 -34.86 -28.96
N THR D 104 -2.10 -34.53 -30.01
CA THR D 104 -3.14 -35.40 -30.53
CA THR D 104 -3.16 -35.37 -30.54
C THR D 104 -2.74 -35.91 -31.90
N SER D 105 -2.92 -37.24 -32.11
CA SER D 105 -2.63 -37.91 -33.38
C SER D 105 -3.88 -38.65 -33.86
N ARG D 106 -4.15 -38.58 -35.17
CA ARG D 106 -5.18 -39.35 -35.84
C ARG D 106 -4.58 -39.91 -37.12
N PRO D 107 -4.99 -41.11 -37.52
CA PRO D 107 -4.52 -41.67 -38.81
C PRO D 107 -4.83 -40.72 -39.95
N GLY D 108 -3.84 -40.49 -40.80
CA GLY D 108 -3.99 -39.64 -41.96
C GLY D 108 -3.88 -38.15 -41.70
N GLU D 109 -3.57 -37.77 -40.48
CA GLU D 109 -3.51 -36.37 -40.10
C GLU D 109 -2.19 -36.11 -39.40
N LYS D 110 -1.60 -34.93 -39.63
CA LYS D 110 -0.38 -34.60 -38.91
C LYS D 110 -0.73 -34.35 -37.44
N PRO D 111 0.15 -34.71 -36.52
CA PRO D 111 -0.16 -34.50 -35.10
C PRO D 111 -0.27 -33.01 -34.78
N THR D 112 -1.08 -32.70 -33.78
CA THR D 112 -1.31 -31.33 -33.34
C THR D 112 -0.93 -31.21 -31.87
N ARG D 113 -0.15 -30.18 -31.54
CA ARG D 113 0.27 -29.94 -30.18
C ARG D 113 -0.48 -28.74 -29.64
N ILE D 114 -1.14 -28.90 -28.50
CA ILE D 114 -1.96 -27.88 -27.87
C ILE D 114 -1.41 -27.58 -26.49
N GLU D 115 -1.15 -26.31 -26.20
CA GLU D 115 -0.76 -25.91 -24.85
C GLU D 115 -2.01 -25.62 -24.03
N VAL D 116 -2.06 -26.15 -22.81
CA VAL D 116 -3.21 -25.96 -21.93
C VAL D 116 -2.74 -25.40 -20.60
N ILE D 117 -3.36 -24.30 -20.17
CA ILE D 117 -3.19 -23.84 -18.80
C ILE D 117 -4.53 -24.03 -18.11
N LEU D 118 -4.50 -24.73 -16.98
CA LEU D 118 -5.75 -25.12 -16.35
C LEU D 118 -5.66 -24.96 -14.85
N ILE D 119 -6.83 -24.69 -14.26
CA ILE D 119 -7.06 -24.69 -12.83
C ILE D 119 -8.10 -25.75 -12.55
N ALA D 120 -7.83 -26.64 -11.60
CA ALA D 120 -8.78 -27.67 -11.21
C ALA D 120 -9.07 -27.56 -9.71
N ALA D 121 -10.35 -27.55 -9.35
CA ALA D 121 -10.77 -27.57 -7.96
C ALA D 121 -11.43 -28.90 -7.66
N TYR D 122 -11.09 -29.48 -6.50
CA TYR D 122 -11.49 -30.82 -6.11
C TYR D 122 -12.54 -30.79 -5.00
N ARG D 123 -13.42 -31.77 -5.01
CA ARG D 123 -14.34 -32.00 -3.91
C ARG D 123 -14.38 -33.49 -3.63
N ASP D 124 -14.04 -33.89 -2.41
CA ASP D 124 -14.11 -35.30 -2.00
C ASP D 124 -13.24 -36.19 -2.89
N GLY D 125 -12.05 -35.70 -3.22
CA GLY D 125 -11.12 -36.50 -3.99
C GLY D 125 -11.35 -36.53 -5.49
N ARG D 126 -12.35 -35.82 -6.00
CA ARG D 126 -12.65 -35.81 -7.44
C ARG D 126 -12.72 -34.39 -7.95
N ILE D 127 -12.43 -34.22 -9.25
CA ILE D 127 -12.44 -32.91 -9.88
C ILE D 127 -13.86 -32.37 -9.92
N HIS D 128 -14.06 -31.17 -9.35
CA HIS D 128 -15.37 -30.53 -9.33
C HIS D 128 -15.49 -29.37 -10.30
N ARG D 129 -14.39 -28.65 -10.56
CA ARG D 129 -14.37 -27.57 -11.53
C ARG D 129 -13.04 -27.61 -12.28
N ILE D 130 -13.10 -27.36 -13.59
CA ILE D 130 -11.90 -27.04 -14.36
C ILE D 130 -12.16 -25.75 -15.12
N TRP D 131 -11.20 -24.82 -15.04
CA TRP D 131 -11.16 -23.64 -15.87
C TRP D 131 -9.87 -23.70 -16.67
N GLU D 132 -9.98 -23.64 -17.99
CA GLU D 132 -8.78 -23.82 -18.80
C GLU D 132 -8.90 -23.02 -20.08
N THR D 133 -7.75 -22.68 -20.65
CA THR D 133 -7.69 -22.11 -21.98
C THR D 133 -6.51 -22.74 -22.68
N THR D 134 -6.56 -22.74 -24.00
CA THR D 134 -5.62 -23.52 -24.79
C THR D 134 -5.09 -22.66 -25.92
N TRP D 135 -3.86 -22.98 -26.36
CA TRP D 135 -3.28 -22.28 -27.48
C TRP D 135 -2.53 -23.28 -28.36
N PRO D 136 -2.81 -23.33 -29.67
CA PRO D 136 -3.95 -22.66 -30.31
C PRO D 136 -5.24 -23.34 -29.87
N SER D 137 -6.39 -22.68 -29.99
CA SER D 137 -7.60 -23.20 -29.34
C SER D 137 -7.99 -24.57 -29.87
N TRP D 138 -8.21 -25.53 -28.95
CA TRP D 138 -8.59 -26.89 -29.34
C TRP D 138 -9.89 -26.91 -30.13
N ARG D 139 -10.77 -25.92 -29.92
CA ARG D 139 -12.06 -25.94 -30.59
C ARG D 139 -11.95 -25.82 -32.10
N ASN D 140 -10.76 -25.52 -32.63
CA ASN D 140 -10.51 -25.53 -34.07
C ASN D 140 -9.60 -26.67 -34.50
N VAL D 141 -9.42 -27.69 -33.66
CA VAL D 141 -8.65 -28.87 -34.00
C VAL D 141 -9.58 -29.91 -34.61
N ALA D 142 -9.23 -30.37 -35.82
CA ALA D 142 -10.13 -31.25 -36.58
C ALA D 142 -10.41 -32.58 -35.88
N ALA D 143 -9.41 -33.13 -35.17
CA ALA D 143 -9.63 -34.33 -34.38
C ALA D 143 -10.62 -34.11 -33.24
N LEU D 144 -11.04 -32.87 -32.99
CA LEU D 144 -11.97 -32.57 -31.92
C LEU D 144 -13.13 -31.72 -32.44
N GLY E 20 15.16 3.75 -16.81
CA GLY E 20 16.19 4.28 -15.95
C GLY E 20 15.75 4.47 -14.51
N SER E 21 14.44 4.63 -14.32
CA SER E 21 13.95 4.87 -12.97
C SER E 21 14.15 3.67 -12.02
N MET E 22 14.29 2.45 -12.55
CA MET E 22 14.50 1.28 -11.70
C MET E 22 15.95 0.77 -11.74
N VAL E 23 16.90 1.66 -12.01
CA VAL E 23 18.32 1.32 -12.05
C VAL E 23 19.06 1.84 -10.82
N SER E 24 18.32 2.31 -9.80
CA SER E 24 18.97 3.07 -8.74
C SER E 24 19.97 2.23 -7.94
N ILE E 25 19.66 0.96 -7.67
CA ILE E 25 20.61 0.13 -6.92
C ILE E 25 21.94 0.04 -7.65
N ALA E 26 21.89 -0.18 -8.96
CA ALA E 26 23.12 -0.36 -9.73
C ALA E 26 23.93 0.92 -9.74
N LEU E 27 23.27 2.08 -9.86
CA LEU E 27 23.98 3.35 -9.83
C LEU E 27 24.59 3.61 -8.46
N LEU E 28 23.87 3.24 -7.39
CA LEU E 28 24.41 3.40 -6.04
C LEU E 28 25.66 2.55 -5.87
N ARG E 29 25.58 1.29 -6.30
CA ARG E 29 26.76 0.43 -6.25
C ARG E 29 27.93 1.05 -6.98
N GLU E 30 27.68 1.59 -8.18
CA GLU E 30 28.79 2.13 -8.95
C GLU E 30 29.38 3.35 -8.27
N MET E 31 28.53 4.20 -7.71
CA MET E 31 29.02 5.33 -6.93
C MET E 31 29.92 4.86 -5.79
N PHE E 32 29.49 3.85 -5.05
CA PHE E 32 30.31 3.37 -3.94
C PHE E 32 31.65 2.84 -4.41
N GLU E 33 31.67 2.19 -5.55
CA GLU E 33 32.93 1.64 -6.07
C GLU E 33 33.81 2.73 -6.67
N LYS E 34 33.28 3.54 -7.59
CA LYS E 34 34.11 4.42 -8.39
C LYS E 34 34.39 5.75 -7.70
N MET E 35 33.51 6.18 -6.81
CA MET E 35 33.74 7.42 -6.07
C MET E 35 34.32 7.17 -4.67
N VAL E 36 33.67 6.31 -3.87
CA VAL E 36 34.05 6.18 -2.46
C VAL E 36 35.30 5.31 -2.31
N VAL E 37 35.23 4.02 -2.69
CA VAL E 37 36.39 3.15 -2.50
C VAL E 37 37.61 3.69 -3.26
N ALA E 38 37.38 4.27 -4.44
CA ALA E 38 38.46 4.86 -5.21
C ALA E 38 38.88 6.24 -4.70
N LYS E 39 38.11 6.84 -3.78
CA LYS E 39 38.41 8.18 -3.27
C LYS E 39 38.62 9.18 -4.41
N ASN E 40 37.66 9.22 -5.32
CA ASN E 40 37.75 10.04 -6.53
C ASN E 40 36.73 11.17 -6.40
N ALA E 41 37.20 12.31 -5.88
CA ALA E 41 36.34 13.47 -5.71
C ALA E 41 35.92 14.09 -7.03
N GLU E 42 36.64 13.83 -8.11
CA GLU E 42 36.18 14.34 -9.40
C GLU E 42 34.82 13.77 -9.79
N LEU E 43 34.43 12.61 -9.25
CA LEU E 43 33.17 12.00 -9.66
C LEU E 43 31.97 12.43 -8.83
N ILE E 44 32.17 13.30 -7.84
CA ILE E 44 31.03 13.79 -7.07
C ILE E 44 30.03 14.47 -7.99
N GLY E 45 30.52 15.35 -8.88
CA GLY E 45 29.67 16.01 -9.85
C GLY E 45 29.03 15.06 -10.84
N HIS E 46 29.61 13.87 -11.02
CA HIS E 46 29.02 12.90 -11.94
C HIS E 46 27.85 12.16 -11.30
N TYR E 47 27.98 11.71 -10.04
CA TYR E 47 26.97 10.88 -9.42
C TYR E 47 25.90 11.66 -8.67
N TYR E 48 26.14 12.93 -8.35
CA TYR E 48 25.26 13.69 -7.50
C TYR E 48 24.67 14.88 -8.26
N ASP E 49 23.37 15.10 -8.06
CA ASP E 49 22.67 16.21 -8.68
C ASP E 49 23.18 17.53 -8.13
N PRO E 50 23.21 18.60 -8.93
CA PRO E 50 23.66 19.89 -8.39
C PRO E 50 22.81 20.39 -7.25
N ASP E 51 21.54 19.99 -7.18
CA ASP E 51 20.66 20.38 -6.09
C ASP E 51 20.65 19.38 -4.95
N PHE E 52 21.64 18.49 -4.90
CA PHE E 52 21.74 17.43 -3.90
C PHE E 52 21.77 18.00 -2.48
N VAL E 53 21.11 17.28 -1.56
CA VAL E 53 21.21 17.55 -0.13
C VAL E 53 21.38 16.23 0.58
N MET E 54 22.34 16.18 1.49
CA MET E 54 22.58 14.99 2.31
CA MET E 54 22.61 15.01 2.31
C MET E 54 22.09 15.25 3.72
N TYR E 55 21.34 14.29 4.26
CA TYR E 55 21.00 14.25 5.68
C TYR E 55 21.66 13.02 6.29
N SER E 56 22.52 13.24 7.30
CA SER E 56 23.30 12.12 7.84
C SER E 56 23.61 12.38 9.30
N ASP E 57 23.06 11.55 10.19
CA ASP E 57 23.36 11.61 11.63
C ASP E 57 23.29 13.04 12.18
N GLY E 58 22.25 13.78 11.80
CA GLY E 58 22.05 15.11 12.32
C GLY E 58 22.70 16.25 11.55
N LEU E 59 23.52 15.94 10.56
CA LEU E 59 24.11 16.92 9.67
C LEU E 59 23.24 17.07 8.43
N ARG E 60 23.15 18.28 7.91
CA ARG E 60 22.49 18.53 6.64
C ARG E 60 23.46 19.30 5.77
N GLN E 61 23.73 18.80 4.56
CA GLN E 61 24.73 19.45 3.71
C GLN E 61 24.22 19.54 2.28
N GLU E 62 24.21 20.77 1.74
CA GLU E 62 23.95 20.93 0.32
C GLU E 62 25.18 20.49 -0.47
N PHE E 63 25.02 20.44 -1.80
CA PHE E 63 26.04 19.85 -2.69
C PHE E 63 27.42 20.44 -2.45
N ALA E 64 27.52 21.77 -2.38
CA ALA E 64 28.84 22.41 -2.32
C ALA E 64 29.59 21.97 -1.07
N GLU E 65 28.93 22.00 0.08
CA GLU E 65 29.55 21.59 1.34
C GLU E 65 29.82 20.09 1.38
N PHE E 66 28.89 19.30 0.86
CA PHE E 66 29.10 17.85 0.74
C PHE E 66 30.33 17.55 -0.09
N SER E 67 30.47 18.24 -1.23
CA SER E 67 31.61 18.00 -2.10
C SER E 67 32.91 18.45 -1.44
N GLU E 68 32.90 19.59 -0.77
CA GLU E 68 34.12 20.04 -0.09
C GLU E 68 34.50 19.09 1.04
N GLY E 69 33.50 18.63 1.81
CA GLY E 69 33.77 17.69 2.89
C GLY E 69 34.37 16.39 2.39
N HIS E 70 33.84 15.86 1.29
CA HIS E 70 34.39 14.60 0.80
C HIS E 70 35.73 14.78 0.08
N ARG E 71 35.97 15.93 -0.57
CA ARG E 71 37.31 16.21 -1.09
C ARG E 71 38.34 16.15 0.03
N LYS E 72 38.02 16.73 1.19
CA LYS E 72 38.97 16.71 2.30
C LYS E 72 39.14 15.29 2.84
N ILE E 73 38.05 14.52 2.91
CA ILE E 73 38.16 13.14 3.34
CA ILE E 73 38.14 13.12 3.33
C ILE E 73 39.08 12.36 2.41
N TYR E 74 38.86 12.48 1.10
CA TYR E 74 39.63 11.74 0.11
C TYR E 74 41.07 12.23 0.02
N ALA E 75 41.38 13.42 0.55
CA ALA E 75 42.76 13.85 0.63
C ALA E 75 43.46 13.31 1.88
N SER E 76 42.72 12.68 2.79
CA SER E 76 43.28 12.12 4.01
C SER E 76 43.81 10.71 3.72
N ALA E 77 44.39 10.08 4.75
CA ALA E 77 44.96 8.75 4.63
C ALA E 77 43.93 7.64 4.79
N ILE E 78 42.64 7.96 4.68
CA ILE E 78 41.61 6.98 4.97
C ILE E 78 41.52 5.96 3.84
N SER E 79 41.12 4.74 4.18
CA SER E 79 40.79 3.69 3.22
C SER E 79 39.38 3.21 3.50
N TYR E 80 38.67 2.80 2.45
CA TYR E 80 37.26 2.42 2.53
C TYR E 80 37.07 1.00 2.02
N ALA E 81 36.16 0.26 2.65
CA ALA E 81 35.62 -0.98 2.10
C ALA E 81 34.10 -0.94 2.27
N ILE E 82 33.38 -1.50 1.30
CA ILE E 82 31.92 -1.43 1.27
C ILE E 82 31.34 -2.84 1.19
N GLU E 83 30.37 -3.15 2.06
CA GLU E 83 29.60 -4.37 1.95
C GLU E 83 28.12 -4.04 1.97
N TYR E 84 27.31 -4.90 1.34
CA TYR E 84 25.88 -4.70 1.25
C TYR E 84 25.13 -5.84 1.91
N ASP E 85 23.98 -5.53 2.49
CA ASP E 85 23.04 -6.56 2.93
C ASP E 85 22.08 -6.78 1.77
N GLU E 86 22.29 -7.87 1.04
CA GLU E 86 21.50 -8.09 -0.17
C GLU E 86 20.05 -8.46 0.12
N ASP E 87 19.72 -8.77 1.38
CA ASP E 87 18.33 -9.02 1.77
C ASP E 87 17.54 -7.75 2.02
N ALA E 88 18.20 -6.60 2.19
CA ALA E 88 17.51 -5.43 2.74
C ALA E 88 17.17 -4.36 1.72
N TRP E 89 17.45 -4.58 0.43
CA TRP E 89 17.17 -3.54 -0.56
C TRP E 89 15.68 -3.24 -0.67
N VAL E 90 15.36 -1.98 -0.88
CA VAL E 90 14.03 -1.52 -1.24
C VAL E 90 14.19 -0.69 -2.50
N GLN E 91 13.47 -1.04 -3.56
CA GLN E 91 13.63 -0.29 -4.79
C GLN E 91 12.27 0.14 -5.33
N ALA E 92 12.23 1.38 -5.81
CA ALA E 92 11.01 1.96 -6.35
C ALA E 92 11.43 2.95 -7.42
N PRO E 93 10.48 3.48 -8.22
CA PRO E 93 10.90 4.44 -9.24
C PRO E 93 11.72 5.59 -8.66
N ASP E 94 12.94 5.75 -9.16
CA ASP E 94 13.87 6.82 -8.78
C ASP E 94 14.30 6.76 -7.31
N ARG E 95 14.13 5.62 -6.64
CA ARG E 95 14.42 5.55 -5.21
C ARG E 95 15.03 4.20 -4.87
N VAL E 96 15.92 4.20 -3.88
CA VAL E 96 16.46 2.96 -3.31
C VAL E 96 16.74 3.17 -1.83
N ALA E 97 16.48 2.15 -1.04
CA ALA E 97 16.94 2.13 0.35
C ALA E 97 17.75 0.88 0.55
N GLY E 98 18.77 0.97 1.39
CA GLY E 98 19.57 -0.23 1.61
C GLY E 98 20.29 -0.19 2.95
N ARG E 99 20.91 -1.33 3.26
CA ARG E 99 21.69 -1.52 4.47
C ARG E 99 23.11 -1.86 4.03
N VAL E 100 24.07 -1.03 4.42
CA VAL E 100 25.45 -1.20 3.97
C VAL E 100 26.36 -1.05 5.17
N TRP E 101 27.52 -1.68 5.09
CA TRP E 101 28.58 -1.51 6.09
C TRP E 101 29.75 -0.83 5.41
N ILE E 102 30.18 0.29 5.98
CA ILE E 102 31.33 1.02 5.49
C ILE E 102 32.44 0.84 6.50
N THR E 103 33.52 0.19 6.09
CA THR E 103 34.68 0.03 6.95
C THR E 103 35.69 1.10 6.59
N THR E 104 36.14 1.87 7.58
CA THR E 104 37.18 2.87 7.39
C THR E 104 38.42 2.46 8.16
N SER E 105 39.58 2.82 7.62
CA SER E 105 40.85 2.58 8.31
C SER E 105 41.84 3.65 7.91
N ARG E 106 42.77 3.93 8.82
CA ARG E 106 43.95 4.74 8.57
C ARG E 106 45.17 3.93 8.96
N PRO E 107 46.32 4.19 8.33
CA PRO E 107 47.51 3.37 8.59
C PRO E 107 47.85 3.33 10.08
N GLY E 108 48.11 2.13 10.57
CA GLY E 108 48.44 1.94 11.98
C GLY E 108 47.28 2.10 12.94
N GLU E 109 46.04 2.16 12.45
CA GLU E 109 44.87 2.37 13.27
C GLU E 109 43.89 1.21 13.07
N LYS E 110 43.23 0.82 14.14
CA LYS E 110 42.22 -0.23 14.04
C LYS E 110 41.06 0.23 13.14
N PRO E 111 40.66 -0.58 12.16
CA PRO E 111 39.53 -0.18 11.31
C PRO E 111 38.22 -0.14 12.09
N THR E 112 37.28 0.66 11.60
CA THR E 112 35.96 0.79 12.18
C THR E 112 34.93 0.41 11.13
N ARG E 113 34.06 -0.52 11.47
CA ARG E 113 33.02 -0.96 10.55
C ARG E 113 31.70 -0.32 10.97
N ILE E 114 31.16 0.53 10.10
CA ILE E 114 29.98 1.34 10.40
CA ILE E 114 29.99 1.35 10.39
C ILE E 114 28.80 0.80 9.60
N GLU E 115 27.71 0.50 10.31
CA GLU E 115 26.48 0.06 9.65
C GLU E 115 25.65 1.28 9.26
N VAL E 116 25.17 1.29 8.02
CA VAL E 116 24.43 2.45 7.51
C VAL E 116 23.09 1.96 6.97
N ILE E 117 22.01 2.61 7.38
CA ILE E 117 20.72 2.47 6.71
C ILE E 117 20.50 3.75 5.94
N LEU E 118 20.28 3.65 4.63
CA LEU E 118 20.22 4.85 3.81
C LEU E 118 19.04 4.78 2.86
N ILE E 119 18.53 5.95 2.51
CA ILE E 119 17.51 6.13 1.49
C ILE E 119 18.08 7.13 0.50
N ALA E 120 18.05 6.79 -0.79
CA ALA E 120 18.54 7.68 -1.86
C ALA E 120 17.44 7.94 -2.88
N ALA E 121 17.20 9.21 -3.18
CA ALA E 121 16.28 9.62 -4.23
C ALA E 121 17.09 10.19 -5.40
N TYR E 122 16.69 9.81 -6.62
CA TYR E 122 17.42 10.12 -7.85
C TYR E 122 16.63 11.08 -8.73
N ARG E 123 17.36 11.92 -9.46
CA ARG E 123 16.83 12.76 -10.51
C ARG E 123 17.67 12.50 -11.75
N ASP E 124 17.07 11.85 -12.75
CA ASP E 124 17.72 11.62 -14.04
C ASP E 124 19.08 10.93 -13.87
N GLY E 125 19.11 9.89 -13.04
CA GLY E 125 20.31 9.11 -12.86
C GLY E 125 21.34 9.69 -11.91
N ARG E 126 21.08 10.84 -11.30
CA ARG E 126 21.98 11.43 -10.33
CA ARG E 126 21.98 11.43 -10.32
C ARG E 126 21.30 11.52 -8.97
N ILE E 127 22.10 11.36 -7.92
CA ILE E 127 21.58 11.35 -6.56
C ILE E 127 21.13 12.75 -6.16
N HIS E 128 19.86 12.87 -5.75
CA HIS E 128 19.29 14.14 -5.38
C HIS E 128 19.05 14.31 -3.88
N ARG E 129 18.75 13.23 -3.15
CA ARG E 129 18.65 13.28 -1.70
C ARG E 129 19.22 12.00 -1.14
N ILE E 130 19.95 12.11 -0.02
CA ILE E 130 20.23 10.95 0.81
C ILE E 130 19.82 11.26 2.23
N TRP E 131 19.08 10.34 2.83
CA TRP E 131 18.79 10.34 4.26
C TRP E 131 19.38 9.07 4.83
N GLU E 132 20.27 9.21 5.82
CA GLU E 132 20.91 8.02 6.35
C GLU E 132 21.22 8.23 7.83
N THR E 133 21.27 7.11 8.56
CA THR E 133 21.76 7.09 9.93
C THR E 133 22.73 5.93 10.05
N THR E 134 23.70 6.08 10.94
CA THR E 134 24.79 5.13 11.00
C THR E 134 25.03 4.71 12.43
N TRP E 135 25.51 3.47 12.60
CA TRP E 135 25.84 2.98 13.93
C TRP E 135 27.13 2.17 13.87
N PRO E 136 28.14 2.49 14.69
CA PRO E 136 28.23 3.67 15.56
C PRO E 136 28.23 4.93 14.71
N SER E 137 27.91 6.12 15.24
CA SER E 137 27.81 7.28 14.37
C SER E 137 29.17 7.60 13.76
N TRP E 138 29.19 7.82 12.44
CA TRP E 138 30.44 8.18 11.77
C TRP E 138 31.02 9.48 12.29
N ARG E 139 30.19 10.35 12.87
CA ARG E 139 30.65 11.64 13.33
C ARG E 139 31.55 11.55 14.54
N ASN E 140 31.55 10.42 15.24
CA ASN E 140 32.45 10.18 16.36
C ASN E 140 33.60 9.24 16.01
N VAL E 141 33.75 8.88 14.73
CA VAL E 141 34.86 8.05 14.28
C VAL E 141 36.08 8.94 14.08
N ALA E 142 37.20 8.61 14.74
CA ALA E 142 38.37 9.49 14.73
C ALA E 142 38.83 9.79 13.30
N ALA E 143 38.78 8.78 12.43
CA ALA E 143 39.14 9.00 11.03
C ALA E 143 38.23 10.02 10.36
N LEU E 144 37.04 10.29 10.92
CA LEU E 144 36.10 11.20 10.29
C LEU E 144 35.72 12.40 11.14
N GLU E 145 35.97 12.37 12.45
CA GLU E 145 35.54 13.45 13.33
C GLU E 145 36.07 14.81 12.90
N ASP E 146 37.02 14.85 11.95
CA ASP E 146 37.46 16.11 11.37
C ASP E 146 36.37 16.76 10.54
N TYR E 147 35.62 15.96 9.78
CA TYR E 147 34.61 16.42 8.82
C TYR E 147 33.75 17.56 9.36
N MET F 22 -25.78 1.12 3.00
CA MET F 22 -24.54 1.00 3.75
C MET F 22 -23.34 0.66 2.84
N VAL F 23 -23.39 1.12 1.60
CA VAL F 23 -22.28 0.98 0.66
C VAL F 23 -21.44 2.25 0.57
N SER F 24 -21.57 3.14 1.56
CA SER F 24 -21.08 4.50 1.43
C SER F 24 -19.55 4.56 1.37
N ILE F 25 -18.87 3.82 2.26
CA ILE F 25 -17.41 3.86 2.32
C ILE F 25 -16.79 3.46 0.99
N ALA F 26 -17.42 2.51 0.27
CA ALA F 26 -16.84 2.01 -0.96
C ALA F 26 -16.74 3.10 -2.02
N LEU F 27 -17.86 3.79 -2.29
CA LEU F 27 -17.85 4.83 -3.31
C LEU F 27 -16.91 5.97 -2.94
N LEU F 28 -16.74 6.22 -1.65
CA LEU F 28 -15.88 7.32 -1.20
C LEU F 28 -14.41 7.03 -1.51
N ARG F 29 -13.95 5.80 -1.27
CA ARG F 29 -12.58 5.45 -1.61
C ARG F 29 -12.33 5.56 -3.11
N GLU F 30 -13.25 5.02 -3.92
CA GLU F 30 -13.05 5.03 -5.36
C GLU F 30 -12.97 6.45 -5.90
N MET F 31 -13.67 7.38 -5.27
CA MET F 31 -13.58 8.78 -5.67
C MET F 31 -12.22 9.37 -5.29
N PHE F 32 -11.70 9.04 -4.10
CA PHE F 32 -10.37 9.51 -3.74
C PHE F 32 -9.29 8.93 -4.65
N GLU F 33 -9.48 7.70 -5.13
CA GLU F 33 -8.46 7.06 -5.95
C GLU F 33 -8.53 7.52 -7.40
N LYS F 34 -9.72 7.47 -8.00
CA LYS F 34 -9.87 7.70 -9.43
C LYS F 34 -10.03 9.17 -9.81
N MET F 35 -10.34 10.04 -8.85
CA MET F 35 -10.47 11.47 -9.13
C MET F 35 -9.41 12.33 -8.47
N VAL F 36 -9.00 12.01 -7.24
CA VAL F 36 -8.08 12.88 -6.51
C VAL F 36 -6.64 12.46 -6.76
N VAL F 37 -6.30 11.22 -6.42
CA VAL F 37 -4.93 10.74 -6.63
C VAL F 37 -4.55 10.83 -8.09
N ALA F 38 -5.52 10.62 -8.99
CA ALA F 38 -5.28 10.76 -10.43
C ALA F 38 -5.24 12.23 -10.87
N LYS F 39 -5.70 13.15 -10.03
CA LYS F 39 -5.77 14.57 -10.36
C LYS F 39 -6.56 14.78 -11.67
N ASN F 40 -7.71 14.14 -11.76
CA ASN F 40 -8.53 14.10 -12.97
C ASN F 40 -9.84 14.81 -12.69
N ALA F 41 -9.95 16.06 -13.14
CA ALA F 41 -11.16 16.87 -12.94
C ALA F 41 -12.30 16.49 -13.88
N GLU F 42 -12.14 15.43 -14.67
CA GLU F 42 -13.19 14.98 -15.58
C GLU F 42 -14.11 13.93 -14.95
N LEU F 43 -13.84 13.49 -13.73
CA LEU F 43 -14.65 12.51 -13.04
C LEU F 43 -15.56 13.11 -11.98
N ILE F 44 -15.58 14.44 -11.85
CA ILE F 44 -16.40 15.08 -10.83
C ILE F 44 -17.87 14.81 -11.07
N GLY F 45 -18.32 14.91 -12.32
CA GLY F 45 -19.72 14.68 -12.64
C GLY F 45 -20.20 13.27 -12.36
N HIS F 46 -19.28 12.30 -12.36
CA HIS F 46 -19.67 10.93 -12.03
C HIS F 46 -19.86 10.74 -10.53
N TYR F 47 -18.97 11.30 -9.72
CA TYR F 47 -18.97 11.05 -8.29
C TYR F 47 -19.70 12.12 -7.48
N TYR F 48 -20.08 13.25 -8.08
CA TYR F 48 -20.68 14.36 -7.36
C TYR F 48 -21.98 14.79 -8.02
N ASP F 49 -23.02 14.96 -7.19
CA ASP F 49 -24.35 15.37 -7.66
C ASP F 49 -24.30 16.77 -8.25
N PRO F 50 -25.18 17.08 -9.21
CA PRO F 50 -25.19 18.45 -9.79
C PRO F 50 -25.48 19.53 -8.77
N ASP F 51 -26.23 19.23 -7.71
CA ASP F 51 -26.58 20.21 -6.69
C ASP F 51 -25.64 20.15 -5.48
N PHE F 52 -24.49 19.50 -5.63
CA PHE F 52 -23.53 19.33 -4.54
C PHE F 52 -23.11 20.68 -3.97
N VAL F 53 -22.94 20.71 -2.64
CA VAL F 53 -22.43 21.89 -1.92
C VAL F 53 -21.37 21.40 -0.94
N MET F 54 -20.25 22.12 -0.89
CA MET F 54 -19.13 21.75 -0.04
CA MET F 54 -19.12 21.76 -0.04
C MET F 54 -18.98 22.79 1.07
N TYR F 55 -18.90 22.32 2.31
CA TYR F 55 -18.53 23.15 3.45
C TYR F 55 -17.17 22.67 3.91
N SER F 56 -16.15 23.54 3.80
CA SER F 56 -14.80 23.17 4.18
C SER F 56 -14.12 24.39 4.79
N ASP F 57 -13.72 24.27 6.07
CA ASP F 57 -12.91 25.29 6.76
C ASP F 57 -13.45 26.70 6.56
N GLY F 58 -14.77 26.86 6.71
CA GLY F 58 -15.40 28.16 6.64
C GLY F 58 -15.83 28.61 5.25
N LEU F 59 -15.47 27.86 4.21
CA LEU F 59 -15.89 28.16 2.86
C LEU F 59 -17.10 27.33 2.50
N ARG F 60 -18.00 27.92 1.73
CA ARG F 60 -19.17 27.23 1.18
C ARG F 60 -19.10 27.31 -0.33
N GLN F 61 -18.90 26.17 -0.98
CA GLN F 61 -18.74 26.10 -2.43
C GLN F 61 -19.78 25.18 -3.06
N GLU F 62 -20.39 25.65 -4.15
CA GLU F 62 -21.33 24.86 -4.92
C GLU F 62 -20.61 24.16 -6.06
N PHE F 63 -21.38 23.38 -6.83
CA PHE F 63 -20.80 22.52 -7.86
C PHE F 63 -19.99 23.32 -8.87
N ALA F 64 -20.44 24.53 -9.22
CA ALA F 64 -19.73 25.34 -10.21
C ALA F 64 -18.32 25.70 -9.73
N GLU F 65 -18.24 26.45 -8.64
CA GLU F 65 -16.93 26.85 -8.12
C GLU F 65 -16.09 25.66 -7.67
N PHE F 66 -16.75 24.55 -7.28
CA PHE F 66 -16.03 23.37 -6.83
C PHE F 66 -15.11 22.83 -7.92
N SER F 67 -15.65 22.59 -9.12
CA SER F 67 -14.83 22.04 -10.20
C SER F 67 -13.83 23.06 -10.74
N GLU F 68 -14.18 24.35 -10.71
CA GLU F 68 -13.25 25.39 -11.15
C GLU F 68 -11.97 25.38 -10.32
N GLY F 69 -12.10 25.34 -8.99
CA GLY F 69 -10.93 25.37 -8.15
C GLY F 69 -10.10 24.10 -8.26
N HIS F 70 -10.77 22.95 -8.41
CA HIS F 70 -10.04 21.69 -8.50
C HIS F 70 -9.25 21.55 -9.80
N ARG F 71 -9.65 22.26 -10.85
CA ARG F 71 -8.88 22.26 -12.09
C ARG F 71 -7.63 23.13 -11.96
N LYS F 72 -7.76 24.27 -11.30
CA LYS F 72 -6.59 25.12 -11.04
C LYS F 72 -5.59 24.46 -10.10
N ILE F 73 -6.08 23.60 -9.19
CA ILE F 73 -5.19 22.91 -8.27
C ILE F 73 -4.47 21.76 -8.99
N TYR F 74 -5.23 20.94 -9.73
CA TYR F 74 -4.61 19.81 -10.44
C TYR F 74 -3.60 20.30 -11.47
N ALA F 75 -3.89 21.43 -12.12
CA ALA F 75 -3.00 21.94 -13.16
C ALA F 75 -1.62 22.31 -12.63
N SER F 76 -1.54 22.70 -11.35
CA SER F 76 -0.27 23.05 -10.74
C SER F 76 0.55 21.79 -10.51
N ALA F 77 1.62 21.90 -9.73
CA ALA F 77 2.52 20.78 -9.49
C ALA F 77 2.06 19.92 -8.32
N ILE F 78 0.74 19.76 -8.17
CA ILE F 78 0.17 19.08 -7.01
C ILE F 78 0.34 17.57 -7.14
N SER F 79 0.74 16.94 -6.03
CA SER F 79 0.86 15.49 -5.94
C SER F 79 0.09 15.03 -4.70
N TYR F 80 -1.02 14.32 -4.92
CA TYR F 80 -1.92 13.92 -3.85
C TYR F 80 -1.69 12.47 -3.44
N ALA F 81 -1.79 12.22 -2.12
CA ALA F 81 -1.79 10.88 -1.56
C ALA F 81 -2.84 10.82 -0.45
N ILE F 82 -3.57 9.71 -0.36
CA ILE F 82 -4.70 9.58 0.55
C ILE F 82 -4.48 8.38 1.47
N GLU F 83 -4.72 8.58 2.77
CA GLU F 83 -4.70 7.51 3.77
C GLU F 83 -5.94 7.62 4.65
N TYR F 84 -6.35 6.49 5.27
CA TYR F 84 -7.59 6.39 6.02
C TYR F 84 -7.34 5.84 7.41
N ASP F 85 -8.04 6.39 8.40
CA ASP F 85 -8.11 5.77 9.72
C ASP F 85 -9.23 4.73 9.68
N GLU F 86 -8.86 3.45 9.61
CA GLU F 86 -9.88 2.44 9.44
C GLU F 86 -10.70 2.19 10.70
N ASP F 87 -10.28 2.73 11.85
CA ASP F 87 -11.07 2.59 13.04
C ASP F 87 -12.17 3.64 13.17
N ALA F 88 -12.18 4.67 12.32
CA ALA F 88 -13.00 5.86 12.56
C ALA F 88 -14.21 6.00 11.66
N TRP F 89 -14.50 5.02 10.80
CA TRP F 89 -15.62 5.14 9.89
C TRP F 89 -16.95 5.15 10.63
N VAL F 90 -17.91 5.91 10.09
CA VAL F 90 -19.30 5.85 10.52
C VAL F 90 -20.15 5.71 9.26
N GLN F 91 -21.01 4.70 9.22
CA GLN F 91 -21.82 4.43 8.04
C GLN F 91 -23.30 4.41 8.40
N ALA F 92 -24.12 5.12 7.62
CA ALA F 92 -25.56 5.18 7.82
C ALA F 92 -26.24 5.21 6.45
N PRO F 93 -27.58 5.02 6.36
CA PRO F 93 -28.25 5.12 5.06
C PRO F 93 -27.93 6.41 4.32
N ASP F 94 -27.22 6.28 3.20
CA ASP F 94 -26.84 7.38 2.32
C ASP F 94 -25.84 8.36 2.94
N ARG F 95 -25.15 7.95 4.00
CA ARG F 95 -24.17 8.83 4.65
C ARG F 95 -22.95 8.07 5.12
N VAL F 96 -21.82 8.77 5.16
CA VAL F 96 -20.57 8.25 5.70
C VAL F 96 -19.83 9.39 6.38
N ALA F 97 -19.14 9.08 7.47
CA ALA F 97 -18.16 9.99 8.05
C ALA F 97 -16.85 9.23 8.23
N GLY F 98 -15.75 9.95 8.17
CA GLY F 98 -14.48 9.28 8.32
C GLY F 98 -13.36 10.24 8.57
N ARG F 99 -12.19 9.65 8.82
CA ARG F 99 -10.95 10.37 9.11
C ARG F 99 -9.93 9.99 8.05
N VAL F 100 -9.53 10.97 7.23
CA VAL F 100 -8.58 10.75 6.16
C VAL F 100 -7.42 11.74 6.27
N TRP F 101 -6.26 11.32 5.79
CA TRP F 101 -5.12 12.19 5.61
C TRP F 101 -4.88 12.36 4.12
N ILE F 102 -4.78 13.61 3.69
CA ILE F 102 -4.43 13.94 2.31
C ILE F 102 -3.02 14.53 2.34
N THR F 103 -2.11 13.91 1.60
CA THR F 103 -0.74 14.39 1.50
C THR F 103 -0.56 15.08 0.16
N THR F 104 -0.26 16.38 0.22
CA THR F 104 -0.01 17.20 -0.96
C THR F 104 1.47 17.55 -0.99
N SER F 105 2.01 17.71 -2.19
CA SER F 105 3.43 17.99 -2.33
C SER F 105 3.69 18.71 -3.65
N ARG F 106 4.59 19.71 -3.60
CA ARG F 106 5.16 20.34 -4.77
C ARG F 106 6.67 20.15 -4.79
N PRO F 107 7.27 19.96 -5.97
CA PRO F 107 8.72 19.77 -6.03
C PRO F 107 9.46 21.01 -5.54
N GLY F 108 10.43 20.79 -4.66
CA GLY F 108 11.20 21.88 -4.07
C GLY F 108 10.68 22.40 -2.75
N GLU F 109 9.50 21.96 -2.31
CA GLU F 109 8.93 22.37 -1.03
C GLU F 109 8.53 21.14 -0.24
N LYS F 110 8.52 21.28 1.08
CA LYS F 110 8.11 20.18 1.95
C LYS F 110 6.64 19.86 1.68
N PRO F 111 6.28 18.57 1.60
CA PRO F 111 4.87 18.20 1.47
C PRO F 111 4.08 18.54 2.72
N THR F 112 2.77 18.66 2.55
CA THR F 112 1.85 18.91 3.66
C THR F 112 0.89 17.73 3.79
N ARG F 113 0.90 17.08 4.94
CA ARG F 113 -0.06 16.02 5.24
C ARG F 113 -1.18 16.63 6.06
N ILE F 114 -2.39 16.66 5.51
CA ILE F 114 -3.52 17.35 6.09
C ILE F 114 -4.53 16.32 6.57
N GLU F 115 -4.88 16.38 7.84
CA GLU F 115 -5.91 15.51 8.39
C GLU F 115 -7.28 16.13 8.15
N VAL F 116 -8.20 15.33 7.62
CA VAL F 116 -9.55 15.78 7.30
C VAL F 116 -10.55 14.88 8.02
N ILE F 117 -11.48 15.48 8.75
CA ILE F 117 -12.67 14.79 9.24
C ILE F 117 -13.84 15.25 8.37
N LEU F 118 -14.53 14.31 7.72
CA LEU F 118 -15.58 14.71 6.80
C LEU F 118 -16.84 13.90 7.06
N ILE F 119 -17.95 14.51 6.70
CA ILE F 119 -19.25 13.87 6.63
C ILE F 119 -19.76 14.03 5.20
N ALA F 120 -20.17 12.93 4.59
CA ALA F 120 -20.64 12.94 3.21
C ALA F 120 -22.05 12.37 3.16
N ALA F 121 -22.96 13.12 2.56
CA ALA F 121 -24.32 12.67 2.28
C ALA F 121 -24.48 12.46 0.78
N TYR F 122 -25.15 11.36 0.43
CA TYR F 122 -25.28 10.89 -0.95
C TYR F 122 -26.73 10.98 -1.44
N ARG F 123 -26.87 11.10 -2.75
CA ARG F 123 -28.18 11.03 -3.42
C ARG F 123 -28.02 10.26 -4.72
N ASP F 124 -28.71 9.11 -4.80
CA ASP F 124 -28.64 8.24 -5.97
C ASP F 124 -27.21 7.92 -6.36
N GLY F 125 -26.36 7.67 -5.36
CA GLY F 125 -24.99 7.26 -5.59
C GLY F 125 -24.03 8.37 -5.94
N ARG F 126 -24.42 9.63 -5.79
CA ARG F 126 -23.54 10.76 -6.01
C ARG F 126 -23.48 11.59 -4.73
N ILE F 127 -22.31 12.17 -4.47
CA ILE F 127 -22.15 12.99 -3.27
C ILE F 127 -22.92 14.30 -3.44
N HIS F 128 -23.79 14.60 -2.48
CA HIS F 128 -24.67 15.76 -2.49
C HIS F 128 -24.26 16.84 -1.49
N ARG F 129 -23.70 16.45 -0.35
CA ARG F 129 -23.20 17.38 0.64
C ARG F 129 -21.92 16.82 1.24
N ILE F 130 -20.94 17.69 1.46
CA ILE F 130 -19.77 17.39 2.28
C ILE F 130 -19.62 18.50 3.30
N TRP F 131 -19.45 18.13 4.56
CA TRP F 131 -19.04 19.03 5.63
C TRP F 131 -17.71 18.51 6.16
N GLU F 132 -16.67 19.33 6.07
CA GLU F 132 -15.36 18.89 6.52
C GLU F 132 -14.61 20.05 7.17
N THR F 133 -13.72 19.68 8.09
CA THR F 133 -12.72 20.58 8.63
C THR F 133 -11.38 19.88 8.55
N THR F 134 -10.30 20.66 8.50
CA THR F 134 -8.98 20.10 8.25
C THR F 134 -7.98 20.71 9.23
N TRP F 135 -6.93 19.94 9.53
CA TRP F 135 -5.80 20.41 10.34
C TRP F 135 -4.50 19.85 9.78
N PRO F 136 -3.51 20.70 9.45
CA PRO F 136 -3.60 22.16 9.51
C PRO F 136 -4.57 22.70 8.46
N SER F 137 -5.23 23.82 8.74
CA SER F 137 -6.21 24.38 7.82
C SER F 137 -5.63 24.55 6.44
N TRP F 138 -6.32 23.99 5.43
CA TRP F 138 -5.83 24.06 4.06
C TRP F 138 -5.84 25.49 3.52
N ARG F 139 -6.67 26.36 4.10
CA ARG F 139 -6.74 27.75 3.67
C ARG F 139 -5.37 28.42 3.70
N ASN F 140 -4.48 27.98 4.59
CA ASN F 140 -3.19 28.60 4.79
C ASN F 140 -2.02 27.80 4.20
N VAL F 141 -2.31 26.76 3.41
CA VAL F 141 -1.26 26.00 2.75
C VAL F 141 -0.83 26.73 1.49
N ALA F 142 0.47 26.67 1.18
CA ALA F 142 1.03 27.49 0.11
C ALA F 142 0.52 27.07 -1.26
N ALA F 143 0.44 25.77 -1.53
CA ALA F 143 0.00 25.29 -2.83
C ALA F 143 -1.50 25.47 -3.05
N LEU F 144 -2.29 25.51 -1.97
CA LEU F 144 -3.72 25.74 -2.06
C LEU F 144 -4.10 27.19 -1.78
N GLU F 145 -3.12 28.09 -1.75
CA GLU F 145 -3.36 29.45 -1.27
C GLU F 145 -4.25 30.23 -2.22
N ASP F 146 -3.98 30.17 -3.52
CA ASP F 146 -4.73 30.92 -4.52
C ASP F 146 -6.22 30.65 -4.46
S SO4 G . 17.89 -13.16 9.15
O1 SO4 G . 17.28 -11.89 8.78
O2 SO4 G . 18.36 -13.09 10.53
O3 SO4 G . 18.99 -13.46 8.23
O4 SO4 G . 16.92 -14.25 9.08
S SO4 H . 9.43 -0.26 16.81
O1 SO4 H . 9.47 1.19 16.58
O2 SO4 H . 8.13 -0.60 17.40
O3 SO4 H . 10.48 -0.64 17.74
O4 SO4 H . 9.61 -0.96 15.54
S SO4 I . 13.02 -20.40 -18.20
O1 SO4 I . 11.66 -19.97 -17.89
O2 SO4 I . 13.99 -19.75 -17.31
O3 SO4 I . 13.37 -20.05 -19.58
O4 SO4 I . 13.13 -21.84 -18.05
S SO4 J . -0.02 -8.63 -18.33
O1 SO4 J . -1.06 -8.77 -19.34
O2 SO4 J . 0.24 -7.20 -18.04
O3 SO4 J . 1.20 -9.26 -18.83
O4 SO4 J . -0.46 -9.29 -17.09
C1 MPD K . 0.34 -9.85 -22.78
C2 MPD K . -0.55 -8.63 -23.05
O2 MPD K . -0.40 -7.70 -21.92
CM MPD K . -0.10 -7.93 -24.32
C3 MPD K . -2.01 -9.06 -23.18
C4 MPD K . -3.03 -8.09 -22.60
O4 MPD K . -2.58 -6.75 -22.64
C5 MPD K . -4.39 -8.21 -23.28
S SO4 L . -6.00 4.02 19.45
O1 SO4 L . -7.32 4.41 18.95
O2 SO4 L . -5.58 4.98 20.46
O3 SO4 L . -5.05 4.00 18.34
O4 SO4 L . -6.08 2.69 20.04
S SO4 M . -15.07 18.09 23.72
O1 SO4 M . -15.02 19.28 22.88
O2 SO4 M . -15.55 18.43 25.06
O3 SO4 M . -13.74 17.51 23.83
O4 SO4 M . -15.97 17.11 23.11
C1 MPD N . -10.86 19.80 23.12
C2 MPD N . -11.48 21.06 23.72
O2 MPD N . -12.70 20.70 24.41
CM MPD N . -10.51 21.69 24.74
C3 MPD N . -11.82 22.08 22.63
C4 MPD N . -13.23 22.64 22.72
O4 MPD N . -13.65 22.76 24.06
C5 MPD N . -13.31 24.01 22.05
S SO4 O . -20.66 -22.54 -11.51
O1 SO4 O . -21.46 -23.33 -10.57
O2 SO4 O . -20.67 -21.14 -11.10
O3 SO4 O . -21.18 -22.72 -12.85
O4 SO4 O . -19.27 -23.00 -11.51
S SO4 P . -9.85 -32.99 -19.94
O1 SO4 P . -11.05 -32.46 -20.58
O2 SO4 P . -9.64 -32.35 -18.64
O3 SO4 P . -8.69 -32.71 -20.78
O4 SO4 P . -10.01 -34.43 -19.75
S SO4 Q . 14.88 20.13 1.50
O1 SO4 Q . 14.80 20.76 2.82
O2 SO4 Q . 13.56 20.03 0.89
O3 SO4 Q . 15.44 18.79 1.59
O4 SO4 Q . 15.73 20.98 0.67
S SO4 R . 28.32 8.68 1.10
O1 SO4 R . 27.54 9.83 1.54
O2 SO4 R . 27.45 7.73 0.42
O3 SO4 R . 28.92 8.05 2.28
O4 SO4 R . 29.38 9.12 0.17
C1 MPD S . 28.68 10.82 5.04
C2 MPD S . 30.08 10.24 5.12
O2 MPD S . 30.49 9.85 3.78
CM MPD S . 31.01 11.32 5.65
C3 MPD S . 30.14 9.01 6.05
C4 MPD S . 30.91 7.80 5.49
O4 MPD S . 32.07 8.22 4.79
C5 MPD S . 31.32 6.83 6.59
S SO4 T . -27.78 24.13 2.42
O1 SO4 T . -27.48 25.47 1.94
O2 SO4 T . -28.35 24.23 3.76
O3 SO4 T . -26.56 23.33 2.49
O4 SO4 T . -28.74 23.48 1.53
S SO4 U . -12.36 16.72 -1.44
O1 SO4 U . -12.97 18.04 -1.52
O2 SO4 U . -13.26 15.81 -0.74
O3 SO4 U . -11.10 16.82 -0.69
O4 SO4 U . -12.11 16.22 -2.78
#